data_4ONV
#
_entry.id   4ONV
#
_cell.length_a   141.170
_cell.length_b   155.410
_cell.length_c   55.510
_cell.angle_alpha   90.00
_cell.angle_beta   90.00
_cell.angle_gamma   90.00
#
_symmetry.space_group_name_H-M   'P 21 21 2'
#
loop_
_entity.id
_entity.type
_entity.pdbx_description
1 polymer 'Probable 2-keto-3-deoxy-galactonate aldolase YagE'
2 non-polymer 1,2-ETHANEDIOL
3 non-polymer GLYCEROL
4 non-polymer 2-KETO-3-DEOXYGLUCONATE
5 water water
#
_entity_poly.entity_id   1
_entity_poly.type   'polypeptide(L)'
_entity_poly.pdbx_seq_one_letter_code
;MGSSHHHHHHSAGENLYFQGQQGDLMPQSALFTGIIPPVSTIFTADGQLDKPGTAALIDDLIKAGVDGLFFLGSGGEFSQ
LGAEERKAIARFAIDHVDRRVPVLIGTGGTNARETIELSQHAQQAGADGIVVINPYYWKVSEANLIRYFEQVADSVTLPV
MLYNFPALTGQDLTPALVKTLADSRSNIIGIKDTIDSVAHLRSMIHTVKGAHPHFTVLCGYDDHLFNTLLLGGDGAISAS
GNFAPQVSVNLLKAWRDGDVAKAAGYHQTLLQIPQMYQLDTPFVNVIKEAIVLCGRPVSTHVLPPASPLDEPRKAQLKTL
LQQLKLCCGRTRAPPPPPLRSGC
;
_entity_poly.pdbx_strand_id   A,B,C,D
#
loop_
_chem_comp.id
_chem_comp.type
_chem_comp.name
_chem_comp.formula
EDO non-polymer 1,2-ETHANEDIOL 'C2 H6 O2'
GOL non-polymer GLYCEROL 'C3 H8 O3'
KDG non-polymer 2-KETO-3-DEOXYGLUCONATE 'C6 H10 O6'
#
# COMPACT_ATOMS: atom_id res chain seq x y z
N ALA A 30 24.48 -19.52 -18.62
CA ALA A 30 23.64 -18.34 -18.26
C ALA A 30 23.22 -17.56 -19.51
N LEU A 31 21.91 -17.53 -19.75
CA LEU A 31 21.35 -16.98 -20.97
C LEU A 31 20.88 -15.52 -20.79
N PHE A 32 20.99 -14.74 -21.85
CA PHE A 32 20.57 -13.38 -21.83
C PHE A 32 21.21 -12.54 -20.71
N THR A 33 22.54 -12.59 -20.57
CA THR A 33 23.28 -11.74 -19.63
C THR A 33 23.66 -10.43 -20.32
N GLY A 34 24.25 -9.48 -19.59
CA GLY A 34 24.77 -8.25 -20.18
C GLY A 34 23.74 -7.14 -20.35
N ILE A 35 23.97 -6.26 -21.33
CA ILE A 35 23.08 -5.13 -21.58
C ILE A 35 22.04 -5.45 -22.69
N ILE A 36 20.78 -5.60 -22.31
CA ILE A 36 19.73 -5.98 -23.25
C ILE A 36 18.59 -4.94 -23.19
N PRO A 37 18.57 -3.96 -24.10
CA PRO A 37 17.59 -2.92 -24.03
C PRO A 37 16.14 -3.32 -24.38
N PRO A 38 15.17 -2.77 -23.65
CA PRO A 38 13.76 -2.92 -24.00
C PRO A 38 13.46 -1.90 -25.06
N VAL A 39 13.47 -2.36 -26.29
CA VAL A 39 13.61 -1.44 -27.41
C VAL A 39 12.25 -0.77 -27.61
N SER A 40 12.30 0.52 -27.96
CA SER A 40 11.10 1.27 -28.29
C SER A 40 10.57 0.88 -29.68
N THR A 41 9.25 0.75 -29.77
CA THR A 41 8.57 0.46 -31.02
C THR A 41 8.24 1.79 -31.66
N ILE A 42 8.91 2.08 -32.79
CA ILE A 42 8.70 3.37 -33.47
C ILE A 42 7.39 3.29 -34.28
N PHE A 43 6.51 4.25 -34.08
CA PHE A 43 5.26 4.25 -34.80
C PHE A 43 5.20 5.46 -35.72
N THR A 44 4.41 5.29 -36.80
CA THR A 44 3.95 6.33 -37.72
C THR A 44 2.95 7.23 -37.01
N ALA A 45 2.59 8.36 -37.57
CA ALA A 45 1.55 9.23 -36.99
C ALA A 45 0.16 8.56 -36.86
N ASP A 46 -0.17 7.62 -37.73
CA ASP A 46 -1.47 6.91 -37.69
C ASP A 46 -1.38 5.64 -36.86
N GLY A 47 -0.20 5.43 -36.27
CA GLY A 47 -0.03 4.36 -35.30
C GLY A 47 0.42 3.01 -35.84
N GLN A 48 0.98 2.98 -37.04
CA GLN A 48 1.48 1.75 -37.61
C GLN A 48 2.96 1.66 -37.32
N LEU A 49 3.47 0.45 -37.33
CA LEU A 49 4.88 0.23 -37.19
C LEU A 49 5.70 1.02 -38.21
N ASP A 50 6.72 1.73 -37.73
CA ASP A 50 7.63 2.51 -38.57
C ASP A 50 8.89 1.67 -38.84
N LYS A 51 8.88 1.02 -39.98
CA LYS A 51 9.89 0.03 -40.27
C LYS A 51 11.26 0.65 -40.42
N PRO A 52 11.39 1.72 -41.22
CA PRO A 52 12.71 2.39 -41.32
C PRO A 52 13.29 2.90 -39.99
N GLY A 53 12.43 3.53 -39.18
CA GLY A 53 12.84 4.07 -37.88
C GLY A 53 13.27 3.00 -36.85
N THR A 54 12.36 2.04 -36.62
CA THR A 54 12.60 0.91 -35.67
C THR A 54 13.82 0.08 -36.13
N ALA A 55 14.04 0.00 -37.45
CA ALA A 55 15.24 -0.64 -37.99
C ALA A 55 16.54 0.15 -37.67
N ALA A 56 16.47 1.48 -37.79
CA ALA A 56 17.65 2.32 -37.53
C ALA A 56 17.99 2.24 -36.07
N LEU A 57 16.96 2.29 -35.24
CA LEU A 57 17.14 2.17 -33.80
C LEU A 57 17.87 0.86 -33.47
N ILE A 58 17.27 -0.26 -33.89
CA ILE A 58 17.89 -1.58 -33.73
C ILE A 58 19.38 -1.59 -34.15
N ASP A 59 19.69 -0.97 -35.30
CA ASP A 59 21.06 -0.98 -35.83
C ASP A 59 22.05 -0.14 -34.98
N ASP A 60 21.58 0.99 -34.46
CA ASP A 60 22.36 1.80 -33.54
C ASP A 60 22.73 0.98 -32.31
N LEU A 61 21.75 0.29 -31.74
CA LEU A 61 21.95 -0.48 -30.49
C LEU A 61 22.90 -1.66 -30.71
N ILE A 62 22.72 -2.39 -31.81
CA ILE A 62 23.64 -3.48 -32.14
C ILE A 62 25.03 -2.88 -32.31
N LYS A 63 25.12 -1.78 -33.04
CA LYS A 63 26.40 -1.09 -33.24
C LYS A 63 27.03 -0.62 -31.93
N ALA A 64 26.18 -0.23 -30.97
CA ALA A 64 26.64 0.22 -29.64
C ALA A 64 27.29 -0.89 -28.79
N GLY A 65 27.07 -2.15 -29.17
CA GLY A 65 27.68 -3.31 -28.50
C GLY A 65 26.80 -3.98 -27.46
N VAL A 66 25.47 -3.81 -27.55
CA VAL A 66 24.55 -4.42 -26.59
C VAL A 66 24.59 -5.92 -26.73
N ASP A 67 24.12 -6.63 -25.71
CA ASP A 67 24.24 -8.09 -25.66
C ASP A 67 22.98 -8.83 -26.08
N GLY A 68 21.93 -8.08 -26.40
CA GLY A 68 20.70 -8.67 -26.91
C GLY A 68 19.71 -7.57 -27.11
N LEU A 69 18.52 -7.91 -27.62
CA LEU A 69 17.41 -6.93 -27.76
C LEU A 69 16.07 -7.51 -27.28
N PHE A 70 15.32 -6.66 -26.57
CA PHE A 70 14.03 -7.03 -26.02
C PHE A 70 12.87 -6.18 -26.61
N PHE A 71 12.10 -6.79 -27.51
CA PHE A 71 10.97 -6.11 -28.15
C PHE A 71 9.68 -6.43 -27.42
N LEU A 72 8.77 -5.49 -27.48
CA LEU A 72 7.44 -5.58 -26.83
C LEU A 72 7.52 -5.75 -25.33
N GLY A 73 8.46 -5.01 -24.73
CA GLY A 73 8.48 -4.78 -23.30
C GLY A 73 7.49 -3.69 -22.91
N SER A 74 7.59 -3.19 -21.69
CA SER A 74 6.71 -2.11 -21.23
C SER A 74 6.96 -0.86 -22.05
N GLY A 75 8.23 -0.53 -22.21
CA GLY A 75 8.65 0.61 -23.00
C GLY A 75 8.32 0.44 -24.47
N GLY A 76 8.30 -0.81 -24.93
CA GLY A 76 7.87 -1.19 -26.28
C GLY A 76 6.37 -1.02 -26.55
N GLU A 77 5.63 -0.62 -25.51
CA GLU A 77 4.18 -0.39 -25.58
C GLU A 77 3.40 -1.65 -25.86
N PHE A 78 3.89 -2.78 -25.37
CA PHE A 78 3.19 -4.05 -25.59
C PHE A 78 1.68 -4.00 -25.21
N SER A 79 1.36 -3.30 -24.12
CA SER A 79 -0.01 -3.32 -23.52
C SER A 79 -1.06 -2.34 -24.16
N GLN A 80 -0.59 -1.48 -25.05
CA GLN A 80 -1.49 -0.62 -25.87
C GLN A 80 -1.78 -1.25 -27.25
N LEU A 81 -1.21 -2.42 -27.51
CA LEU A 81 -1.24 -3.07 -28.84
C LEU A 81 -2.08 -4.32 -28.87
N GLY A 82 -2.80 -4.51 -29.96
CA GLY A 82 -3.50 -5.73 -30.17
C GLY A 82 -2.56 -6.86 -30.53
N ALA A 83 -3.11 -8.08 -30.45
CA ALA A 83 -2.36 -9.30 -30.67
C ALA A 83 -1.67 -9.33 -32.04
N GLU A 84 -2.45 -9.05 -33.11
CA GLU A 84 -1.93 -9.20 -34.47
C GLU A 84 -0.81 -8.21 -34.77
N GLU A 85 -0.91 -7.04 -34.18
CA GLU A 85 0.11 -6.00 -34.31
C GLU A 85 1.45 -6.41 -33.65
N ARG A 86 1.36 -7.02 -32.47
CA ARG A 86 2.52 -7.50 -31.72
C ARG A 86 3.22 -8.58 -32.52
N LYS A 87 2.43 -9.39 -33.22
CA LYS A 87 2.99 -10.46 -34.06
C LYS A 87 3.81 -9.87 -35.18
N ALA A 88 3.18 -8.92 -35.86
CA ALA A 88 3.80 -8.18 -36.95
C ALA A 88 5.11 -7.53 -36.49
N ILE A 89 5.09 -6.91 -35.32
CA ILE A 89 6.27 -6.19 -34.78
C ILE A 89 7.41 -7.13 -34.39
N ALA A 90 7.06 -8.21 -33.72
CA ALA A 90 8.00 -9.24 -33.38
C ALA A 90 8.69 -9.82 -34.63
N ARG A 91 7.87 -10.22 -35.60
CA ARG A 91 8.36 -10.82 -36.83
C ARG A 91 9.35 -9.91 -37.53
N PHE A 92 8.94 -8.65 -37.70
CA PHE A 92 9.79 -7.64 -38.32
C PHE A 92 11.09 -7.45 -37.57
N ALA A 93 10.95 -7.32 -36.26
CA ALA A 93 12.10 -7.09 -35.36
C ALA A 93 13.11 -8.23 -35.41
N ILE A 94 12.59 -9.45 -35.41
CA ILE A 94 13.45 -10.63 -35.47
C ILE A 94 14.19 -10.68 -36.81
N ASP A 95 13.43 -10.54 -37.87
CA ASP A 95 13.95 -10.50 -39.21
C ASP A 95 15.05 -9.42 -39.37
N HIS A 96 14.83 -8.20 -38.86
CA HIS A 96 15.82 -7.16 -39.06
C HIS A 96 17.09 -7.44 -38.30
N VAL A 97 16.95 -8.02 -37.11
CA VAL A 97 18.12 -8.36 -36.28
C VAL A 97 18.97 -9.42 -36.97
N ASP A 98 18.30 -10.37 -37.63
CA ASP A 98 18.98 -11.35 -38.47
C ASP A 98 20.08 -12.08 -37.68
N ARG A 99 19.74 -12.47 -36.44
CA ARG A 99 20.59 -13.25 -35.56
C ARG A 99 21.93 -12.57 -35.15
N ARG A 100 22.08 -11.27 -35.41
CA ARG A 100 23.35 -10.60 -35.03
C ARG A 100 23.50 -10.52 -33.50
N VAL A 101 22.37 -10.39 -32.81
CA VAL A 101 22.31 -10.55 -31.34
C VAL A 101 21.09 -11.36 -30.95
N PRO A 102 21.09 -11.96 -29.75
CA PRO A 102 19.87 -12.64 -29.29
C PRO A 102 18.68 -11.69 -29.11
N VAL A 103 17.51 -12.17 -29.49
CA VAL A 103 16.28 -11.40 -29.45
C VAL A 103 15.34 -12.01 -28.44
N LEU A 104 14.73 -11.15 -27.62
CA LEU A 104 13.66 -11.55 -26.68
C LEU A 104 12.36 -10.89 -27.07
N ILE A 105 11.29 -11.68 -27.14
CA ILE A 105 9.97 -11.12 -27.40
C ILE A 105 9.12 -11.17 -26.13
N GLY A 106 8.55 -10.04 -25.78
CA GLY A 106 7.66 -9.96 -24.65
C GLY A 106 6.26 -10.36 -25.06
N THR A 107 5.73 -11.42 -24.47
CA THR A 107 4.53 -12.05 -24.98
C THR A 107 3.39 -12.08 -23.99
N GLY A 108 3.56 -11.38 -22.89
CA GLY A 108 2.62 -11.49 -21.79
C GLY A 108 1.45 -10.55 -21.89
N GLY A 109 0.70 -10.50 -20.82
CA GLY A 109 -0.55 -9.79 -20.80
C GLY A 109 -1.49 -10.46 -19.83
N THR A 110 -2.79 -10.25 -20.05
CA THR A 110 -3.78 -10.78 -19.14
C THR A 110 -4.43 -12.03 -19.72
N ASN A 111 -4.49 -12.11 -21.05
CA ASN A 111 -5.15 -13.22 -21.76
C ASN A 111 -4.18 -14.39 -21.94
N ALA A 112 -4.34 -15.40 -21.11
CA ALA A 112 -3.42 -16.53 -21.06
C ALA A 112 -3.28 -17.23 -22.41
N ARG A 113 -4.42 -17.54 -23.03
CA ARG A 113 -4.39 -18.16 -24.37
C ARG A 113 -3.62 -17.29 -25.37
N GLU A 114 -3.79 -15.98 -25.22
CA GLU A 114 -3.08 -15.05 -26.08
C GLU A 114 -1.59 -15.11 -25.81
N THR A 115 -1.23 -15.35 -24.56
CA THR A 115 0.19 -15.45 -24.18
C THR A 115 0.87 -16.65 -24.83
N ILE A 116 0.16 -17.76 -24.87
CA ILE A 116 0.61 -18.99 -25.50
C ILE A 116 0.75 -18.78 -27.01
N GLU A 117 -0.32 -18.32 -27.62
CA GLU A 117 -0.36 -17.99 -29.03
C GLU A 117 0.85 -17.13 -29.41
N LEU A 118 0.96 -15.97 -28.77
CA LEU A 118 2.05 -15.05 -29.02
C LEU A 118 3.40 -15.69 -28.74
N SER A 119 3.48 -16.52 -27.72
CA SER A 119 4.75 -17.19 -27.33
C SER A 119 5.23 -18.21 -28.39
N GLN A 120 4.29 -19.02 -28.89
CA GLN A 120 4.55 -19.98 -29.96
C GLN A 120 4.92 -19.27 -31.27
N HIS A 121 4.18 -18.21 -31.57
CA HIS A 121 4.48 -17.36 -32.72
C HIS A 121 5.88 -16.77 -32.60
N ALA A 122 6.22 -16.29 -31.41
CA ALA A 122 7.59 -15.82 -31.16
C ALA A 122 8.61 -16.90 -31.58
N GLN A 123 8.31 -18.13 -31.21
CA GLN A 123 9.15 -19.24 -31.53
C GLN A 123 9.22 -19.46 -33.05
N GLN A 124 8.08 -19.59 -33.69
CA GLN A 124 8.04 -19.85 -35.15
C GLN A 124 8.77 -18.75 -35.93
N ALA A 125 8.59 -17.52 -35.46
CA ALA A 125 9.17 -16.36 -36.07
C ALA A 125 10.70 -16.25 -35.81
N GLY A 126 11.25 -17.12 -34.98
CA GLY A 126 12.71 -17.23 -34.85
C GLY A 126 13.31 -16.49 -33.67
N ALA A 127 12.46 -16.15 -32.68
CA ALA A 127 12.95 -15.52 -31.44
C ALA A 127 13.86 -16.47 -30.69
N ASP A 128 14.80 -15.91 -29.93
CA ASP A 128 15.70 -16.73 -29.08
C ASP A 128 15.11 -16.98 -27.68
N GLY A 129 14.07 -16.22 -27.30
CA GLY A 129 13.40 -16.35 -26.00
C GLY A 129 12.23 -15.41 -25.81
N ILE A 130 11.40 -15.70 -24.82
CA ILE A 130 10.25 -14.87 -24.51
C ILE A 130 10.38 -14.30 -23.12
N VAL A 131 9.67 -13.19 -22.89
CA VAL A 131 9.68 -12.53 -21.60
C VAL A 131 8.27 -12.41 -21.15
N VAL A 132 7.95 -13.01 -20.03
CA VAL A 132 6.56 -13.15 -19.61
C VAL A 132 6.33 -12.52 -18.24
N ILE A 133 5.42 -11.55 -18.23
CA ILE A 133 5.03 -10.86 -17.00
C ILE A 133 3.85 -11.61 -16.40
N ASN A 134 3.67 -11.47 -15.09
CA ASN A 134 2.48 -12.03 -14.45
C ASN A 134 1.20 -11.24 -14.83
N PRO A 135 0.05 -11.94 -14.89
CA PRO A 135 -1.17 -11.30 -15.29
C PRO A 135 -1.51 -10.18 -14.33
N TYR A 136 -1.91 -9.04 -14.89
CA TYR A 136 -1.86 -7.80 -14.13
C TYR A 136 -3.19 -7.11 -13.90
N TYR A 137 -4.30 -7.72 -14.31
CA TYR A 137 -5.64 -7.24 -13.88
C TYR A 137 -6.06 -7.97 -12.61
N TRP A 138 -6.61 -9.19 -12.73
CA TRP A 138 -6.74 -10.08 -11.59
C TRP A 138 -5.35 -10.33 -11.02
N LYS A 139 -5.25 -10.23 -9.70
CA LYS A 139 -4.06 -10.74 -9.00
C LYS A 139 -4.34 -12.18 -8.69
N VAL A 140 -3.56 -13.02 -9.35
CA VAL A 140 -3.79 -14.43 -9.48
C VAL A 140 -3.42 -15.13 -8.21
N SER A 141 -4.28 -16.02 -7.70
CA SER A 141 -3.86 -16.94 -6.64
C SER A 141 -2.50 -17.53 -7.00
N GLU A 142 -1.71 -17.81 -5.99
CA GLU A 142 -0.39 -18.46 -6.18
C GLU A 142 -0.47 -19.78 -6.99
N ALA A 143 -1.46 -20.60 -6.68
CA ALA A 143 -1.68 -21.86 -7.40
C ALA A 143 -1.89 -21.59 -8.88
N ASN A 144 -2.77 -20.64 -9.19
CA ASN A 144 -2.99 -20.23 -10.57
C ASN A 144 -1.76 -19.56 -11.27
N LEU A 145 -0.90 -18.91 -10.47
CA LEU A 145 0.19 -18.14 -11.02
C LEU A 145 1.28 -19.09 -11.42
N ILE A 146 1.49 -20.06 -10.55
CA ILE A 146 2.44 -21.13 -10.84
C ILE A 146 1.92 -21.96 -12.03
N ARG A 147 0.64 -22.29 -12.00
CA ARG A 147 0.00 -23.00 -13.09
C ARG A 147 0.16 -22.20 -14.42
N TYR A 148 -0.08 -20.90 -14.38
CA TYR A 148 0.01 -20.08 -15.60
C TYR A 148 1.42 -20.08 -16.23
N PHE A 149 2.42 -19.77 -15.43
CA PHE A 149 3.81 -19.77 -15.88
C PHE A 149 4.32 -21.14 -16.34
N GLU A 150 3.83 -22.20 -15.73
CA GLU A 150 4.18 -23.55 -16.15
C GLU A 150 3.55 -23.82 -17.53
N GLN A 151 2.29 -23.42 -17.72
CA GLN A 151 1.58 -23.67 -18.99
C GLN A 151 2.23 -22.93 -20.15
N VAL A 152 2.54 -21.65 -19.93
CA VAL A 152 3.28 -20.89 -20.94
C VAL A 152 4.68 -21.49 -21.21
N ALA A 153 5.37 -21.89 -20.15
CA ALA A 153 6.72 -22.46 -20.33
C ALA A 153 6.63 -23.75 -21.13
N ASP A 154 5.59 -24.54 -20.88
CA ASP A 154 5.39 -25.82 -21.59
C ASP A 154 4.92 -25.66 -23.02
N SER A 155 4.55 -24.44 -23.41
CA SER A 155 4.02 -24.19 -24.77
C SER A 155 5.14 -23.92 -25.77
N VAL A 156 6.34 -23.73 -25.25
CA VAL A 156 7.49 -23.47 -26.11
C VAL A 156 8.69 -24.27 -25.65
N THR A 157 9.69 -24.35 -26.53
CA THR A 157 10.99 -24.94 -26.18
C THR A 157 12.05 -23.86 -26.06
N LEU A 158 11.61 -22.61 -26.19
CA LEU A 158 12.49 -21.47 -25.99
C LEU A 158 12.76 -21.23 -24.52
N PRO A 159 13.91 -20.63 -24.19
CA PRO A 159 14.10 -20.09 -22.85
C PRO A 159 13.10 -18.99 -22.55
N VAL A 160 12.69 -18.94 -21.29
CA VAL A 160 11.65 -18.06 -20.81
C VAL A 160 12.15 -17.18 -19.68
N MET A 161 11.93 -15.87 -19.84
CA MET A 161 12.30 -14.88 -18.86
C MET A 161 11.03 -14.41 -18.15
N LEU A 162 11.03 -14.47 -16.83
CA LEU A 162 9.95 -13.87 -16.06
C LEU A 162 10.15 -12.35 -16.04
N TYR A 163 9.06 -11.65 -15.81
CA TYR A 163 9.10 -10.21 -15.78
C TYR A 163 8.30 -9.74 -14.55
N ASN A 164 9.04 -9.23 -13.55
CA ASN A 164 8.44 -8.64 -12.38
C ASN A 164 8.41 -7.13 -12.51
N PHE A 165 7.27 -6.53 -12.22
CA PHE A 165 7.08 -5.09 -12.26
C PHE A 165 5.87 -4.75 -11.34
N PRO A 166 6.06 -4.88 -10.01
CA PRO A 166 4.95 -4.80 -9.06
C PRO A 166 4.19 -3.48 -9.02
N ALA A 167 4.93 -2.39 -9.13
CA ALA A 167 4.39 -1.05 -9.23
C ALA A 167 3.22 -0.97 -10.22
N LEU A 168 3.37 -1.67 -11.35
CA LEU A 168 2.30 -1.77 -12.34
C LEU A 168 1.41 -3.02 -12.19
N THR A 169 1.97 -4.17 -11.79
CA THR A 169 1.15 -5.39 -11.70
C THR A 169 0.24 -5.52 -10.43
N GLY A 170 0.64 -4.87 -9.33
CA GLY A 170 -0.04 -5.04 -8.04
C GLY A 170 0.22 -6.39 -7.39
N GLN A 171 1.09 -7.20 -8.00
CA GLN A 171 1.47 -8.52 -7.50
C GLN A 171 2.93 -8.79 -7.73
N ASP A 172 3.67 -8.92 -6.63
CA ASP A 172 5.11 -9.14 -6.70
C ASP A 172 5.49 -10.61 -6.95
N LEU A 173 6.41 -10.81 -7.90
CA LEU A 173 7.08 -12.10 -8.04
C LEU A 173 8.19 -12.18 -7.01
N THR A 174 7.89 -12.85 -5.90
CA THR A 174 8.79 -12.89 -4.75
C THR A 174 9.93 -13.81 -5.11
N PRO A 175 11.13 -13.56 -4.57
CA PRO A 175 12.23 -14.47 -4.75
C PRO A 175 11.85 -15.95 -4.51
N ALA A 176 11.18 -16.23 -3.39
CA ALA A 176 10.73 -17.57 -3.06
C ALA A 176 9.93 -18.16 -4.21
N LEU A 177 8.93 -17.42 -4.68
CA LEU A 177 8.10 -17.91 -5.77
C LEU A 177 8.85 -18.07 -7.11
N VAL A 178 9.74 -17.14 -7.43
CA VAL A 178 10.59 -17.30 -8.61
C VAL A 178 11.43 -18.58 -8.47
N LYS A 179 11.80 -18.92 -7.25
CA LYS A 179 12.63 -20.10 -7.02
C LYS A 179 11.75 -21.36 -7.22
N THR A 180 10.53 -21.33 -6.71
CA THR A 180 9.54 -22.38 -7.05
C THR A 180 9.35 -22.59 -8.57
N LEU A 181 9.33 -21.51 -9.34
CA LEU A 181 9.15 -21.61 -10.81
C LEU A 181 10.38 -22.18 -11.51
N ALA A 182 11.57 -21.74 -11.10
CA ALA A 182 12.84 -22.24 -11.68
C ALA A 182 13.05 -23.70 -11.31
N ASP A 183 12.51 -24.07 -10.15
CA ASP A 183 12.60 -25.45 -9.67
C ASP A 183 11.70 -26.37 -10.47
N SER A 184 10.62 -25.82 -11.02
CA SER A 184 9.58 -26.59 -11.66
C SER A 184 9.88 -26.80 -13.13
N ARG A 185 10.46 -25.80 -13.79
CA ARG A 185 10.64 -25.82 -15.24
C ARG A 185 12.04 -25.40 -15.65
N SER A 186 12.75 -26.27 -16.36
CA SER A 186 14.16 -26.01 -16.70
C SER A 186 14.34 -24.87 -17.70
N ASN A 187 13.26 -24.54 -18.42
CA ASN A 187 13.27 -23.44 -19.37
C ASN A 187 12.93 -22.09 -18.78
N ILE A 188 12.58 -22.03 -17.50
CA ILE A 188 12.47 -20.75 -16.81
C ILE A 188 13.87 -20.45 -16.28
N ILE A 189 14.58 -19.57 -16.97
CA ILE A 189 16.03 -19.42 -16.77
C ILE A 189 16.47 -18.00 -16.45
N GLY A 190 15.50 -17.12 -16.22
CA GLY A 190 15.83 -15.78 -15.80
C GLY A 190 14.69 -14.85 -15.41
N ILE A 191 15.09 -13.62 -15.06
CA ILE A 191 14.16 -12.57 -14.65
C ILE A 191 14.71 -11.15 -14.86
N LYS A 192 13.84 -10.31 -15.40
CA LYS A 192 13.98 -8.88 -15.39
C LYS A 192 13.20 -8.39 -14.16
N ASP A 193 13.94 -7.90 -13.17
CA ASP A 193 13.33 -7.43 -11.93
C ASP A 193 13.22 -5.90 -11.93
N THR A 194 11.98 -5.44 -12.09
CA THR A 194 11.72 -4.02 -12.25
C THR A 194 11.14 -3.41 -10.97
N ILE A 195 12.05 -2.94 -10.15
CA ILE A 195 11.72 -2.38 -8.83
C ILE A 195 12.92 -1.54 -8.31
N ASP A 196 12.58 -0.38 -7.73
CA ASP A 196 13.58 0.44 -7.06
C ASP A 196 13.76 -0.11 -5.66
N SER A 197 14.57 -1.17 -5.57
CA SER A 197 14.84 -1.85 -4.30
C SER A 197 16.13 -2.71 -4.38
N VAL A 198 17.15 -2.38 -3.58
CA VAL A 198 18.35 -3.21 -3.46
C VAL A 198 17.97 -4.54 -2.79
N ALA A 199 17.12 -4.51 -1.76
CA ALA A 199 16.69 -5.75 -1.04
C ALA A 199 16.03 -6.82 -1.93
N HIS A 200 15.22 -6.40 -2.87
CA HIS A 200 14.54 -7.37 -3.73
C HIS A 200 15.57 -7.97 -4.71
N LEU A 201 16.40 -7.11 -5.30
CA LEU A 201 17.46 -7.59 -6.18
C LEU A 201 18.41 -8.59 -5.44
N ARG A 202 18.85 -8.22 -4.25
CA ARG A 202 19.80 -9.04 -3.48
C ARG A 202 19.17 -10.37 -3.07
N SER A 203 17.94 -10.29 -2.58
CA SER A 203 17.21 -11.47 -2.16
C SER A 203 16.92 -12.37 -3.35
N MET A 204 16.65 -11.75 -4.50
CA MET A 204 16.41 -12.50 -5.74
C MET A 204 17.67 -13.27 -6.13
N ILE A 205 18.81 -12.61 -6.03
CA ILE A 205 20.08 -13.24 -6.37
C ILE A 205 20.39 -14.38 -5.40
N HIS A 206 20.24 -14.15 -4.09
CA HIS A 206 20.60 -15.19 -3.12
C HIS A 206 19.68 -16.40 -3.20
N THR A 207 18.38 -16.15 -3.18
CA THR A 207 17.39 -17.24 -3.17
C THR A 207 17.44 -18.04 -4.47
N VAL A 208 17.43 -17.34 -5.60
CA VAL A 208 17.27 -18.02 -6.88
C VAL A 208 18.62 -18.49 -7.43
N LYS A 209 19.61 -17.60 -7.54
CA LYS A 209 20.94 -18.01 -8.07
C LYS A 209 21.70 -18.97 -7.16
N GLY A 210 21.43 -18.90 -5.85
CA GLY A 210 22.03 -19.86 -4.89
C GLY A 210 21.54 -21.27 -5.18
N ALA A 211 20.25 -21.38 -5.51
CA ALA A 211 19.65 -22.66 -5.93
C ALA A 211 19.92 -23.00 -7.39
N HIS A 212 20.02 -21.96 -8.24
CA HIS A 212 20.22 -22.12 -9.70
C HIS A 212 21.28 -21.16 -10.22
N PRO A 213 22.56 -21.53 -10.10
CA PRO A 213 23.64 -20.58 -10.41
C PRO A 213 23.65 -19.90 -11.78
N HIS A 214 23.11 -20.55 -12.82
CA HIS A 214 23.10 -19.97 -14.18
C HIS A 214 21.73 -19.33 -14.58
N PHE A 215 20.83 -19.22 -13.60
CA PHE A 215 19.60 -18.47 -13.72
C PHE A 215 19.89 -16.98 -13.80
N THR A 216 19.30 -16.29 -14.77
CA THR A 216 19.72 -14.90 -15.05
C THR A 216 18.89 -13.86 -14.31
N VAL A 217 19.56 -12.90 -13.70
CA VAL A 217 18.91 -11.84 -12.95
C VAL A 217 19.36 -10.50 -13.52
N LEU A 218 18.40 -9.82 -14.15
CA LEU A 218 18.63 -8.50 -14.72
C LEU A 218 17.70 -7.53 -13.99
N CYS A 219 18.19 -6.32 -13.77
CA CYS A 219 17.36 -5.29 -13.17
C CYS A 219 16.69 -4.50 -14.27
N GLY A 220 15.55 -3.91 -13.94
CA GLY A 220 14.70 -3.20 -14.89
C GLY A 220 14.95 -1.71 -14.89
N TYR A 221 15.77 -1.24 -13.97
CA TYR A 221 16.04 0.20 -13.85
C TYR A 221 17.50 0.54 -13.96
N ASP A 222 17.78 1.70 -14.55
CA ASP A 222 19.17 2.08 -14.94
C ASP A 222 20.07 2.23 -13.75
N ASP A 223 19.49 2.76 -12.67
CA ASP A 223 20.28 3.17 -11.50
C ASP A 223 20.68 1.96 -10.62
N HIS A 224 20.20 0.77 -10.99
CA HIS A 224 20.46 -0.47 -10.27
C HIS A 224 21.38 -1.46 -10.97
N LEU A 225 21.81 -1.13 -12.17
CA LEU A 225 22.72 -1.99 -12.92
C LEU A 225 24.01 -2.32 -12.16
N PHE A 226 24.78 -1.28 -11.80
CA PHE A 226 26.08 -1.42 -11.09
C PHE A 226 25.92 -2.28 -9.85
N ASN A 227 24.95 -1.90 -9.00
CA ASN A 227 24.57 -2.69 -7.82
C ASN A 227 24.19 -4.12 -8.16
N THR A 228 23.40 -4.30 -9.22
CA THR A 228 23.02 -5.65 -9.60
C THR A 228 24.28 -6.47 -9.90
N LEU A 229 25.25 -5.87 -10.58
CA LEU A 229 26.48 -6.58 -10.92
C LEU A 229 27.22 -6.94 -9.67
N LEU A 230 27.40 -5.96 -8.79
CA LEU A 230 28.17 -6.16 -7.56
C LEU A 230 27.55 -7.14 -6.58
N LEU A 231 26.25 -7.39 -6.74
CA LEU A 231 25.50 -8.36 -5.91
C LEU A 231 25.60 -9.79 -6.45
N GLY A 232 26.26 -9.95 -7.60
CA GLY A 232 26.37 -11.27 -8.26
C GLY A 232 25.28 -11.54 -9.31
N GLY A 233 24.57 -10.46 -9.71
CA GLY A 233 23.57 -10.50 -10.76
C GLY A 233 24.20 -10.31 -12.15
N ASP A 234 23.34 -10.21 -13.17
CA ASP A 234 23.71 -10.52 -14.55
C ASP A 234 23.65 -9.38 -15.57
N GLY A 235 22.97 -8.28 -15.20
CA GLY A 235 22.92 -7.11 -16.07
C GLY A 235 21.69 -6.27 -15.92
N ALA A 236 21.34 -5.59 -17.01
CA ALA A 236 20.15 -4.73 -17.03
C ALA A 236 19.41 -4.77 -18.33
N ILE A 237 18.08 -4.84 -18.22
CA ILE A 237 17.16 -4.41 -19.26
C ILE A 237 16.56 -3.08 -18.79
N SER A 238 16.98 -1.96 -19.36
CA SER A 238 16.49 -0.66 -18.90
C SER A 238 16.40 0.37 -20.01
N ALA A 239 15.48 1.31 -19.84
CA ALA A 239 15.18 2.31 -20.88
C ALA A 239 16.39 3.08 -21.47
N SER A 240 17.39 3.44 -20.65
CA SER A 240 18.53 4.24 -21.13
C SER A 240 19.29 3.52 -22.26
N GLY A 241 19.05 2.22 -22.38
CA GLY A 241 19.63 1.45 -23.49
C GLY A 241 19.21 1.92 -24.87
N ASN A 242 18.04 2.58 -24.94
CA ASN A 242 17.55 3.12 -26.22
C ASN A 242 18.31 4.33 -26.72
N PHE A 243 18.50 5.31 -25.86
CA PHE A 243 19.11 6.58 -26.26
C PHE A 243 20.50 6.72 -25.75
N ALA A 244 20.93 5.87 -24.84
CA ALA A 244 22.30 6.00 -24.32
C ALA A 244 22.97 4.67 -23.94
N PRO A 245 22.90 3.67 -24.82
CA PRO A 245 23.40 2.34 -24.48
C PRO A 245 24.90 2.28 -24.23
N GLN A 246 25.66 3.23 -24.80
CA GLN A 246 27.13 3.26 -24.57
C GLN A 246 27.46 3.27 -23.06
N VAL A 247 26.66 3.99 -22.30
CA VAL A 247 26.87 4.14 -20.85
C VAL A 247 26.77 2.79 -20.15
N SER A 248 25.68 2.06 -20.38
CA SER A 248 25.50 0.73 -19.76
C SER A 248 26.46 -0.31 -20.33
N VAL A 249 26.70 -0.25 -21.64
CA VAL A 249 27.60 -1.18 -22.33
C VAL A 249 29.04 -1.03 -21.86
N ASN A 250 29.48 0.22 -21.69
CA ASN A 250 30.84 0.55 -21.19
C ASN A 250 30.99 0.26 -19.70
N LEU A 251 29.93 0.49 -18.94
CA LEU A 251 29.92 0.07 -17.52
C LEU A 251 30.18 -1.44 -17.45
N LEU A 252 29.36 -2.21 -18.15
CA LEU A 252 29.53 -3.67 -18.18
C LEU A 252 30.93 -4.08 -18.63
N LYS A 253 31.41 -3.48 -19.72
CA LYS A 253 32.73 -3.80 -20.22
C LYS A 253 33.78 -3.50 -19.16
N ALA A 254 33.70 -2.31 -18.57
CA ALA A 254 34.63 -1.87 -17.54
C ALA A 254 34.66 -2.82 -16.36
N TRP A 255 33.47 -3.22 -15.89
CA TRP A 255 33.35 -4.15 -14.78
C TRP A 255 33.93 -5.51 -15.15
N ARG A 256 33.61 -5.99 -16.34
CA ARG A 256 34.19 -7.26 -16.80
C ARG A 256 35.73 -7.21 -16.89
N ASP A 257 36.29 -6.08 -17.34
CA ASP A 257 37.76 -5.90 -17.38
C ASP A 257 38.36 -5.67 -15.98
N GLY A 258 37.53 -5.66 -14.95
CA GLY A 258 38.00 -5.47 -13.58
C GLY A 258 38.16 -4.02 -13.17
N ASP A 259 37.99 -3.08 -14.10
CA ASP A 259 38.20 -1.66 -13.79
C ASP A 259 36.94 -1.09 -13.15
N VAL A 260 36.82 -1.30 -11.83
CA VAL A 260 35.66 -0.89 -11.05
C VAL A 260 35.48 0.63 -11.01
N ALA A 261 36.59 1.37 -10.96
CA ALA A 261 36.55 2.86 -10.87
C ALA A 261 35.82 3.45 -12.07
N LYS A 262 36.30 3.10 -13.25
CA LYS A 262 35.67 3.49 -14.50
C LYS A 262 34.17 3.06 -14.52
N ALA A 263 33.90 1.88 -14.00
CA ALA A 263 32.54 1.35 -14.00
C ALA A 263 31.58 2.14 -13.11
N ALA A 264 32.11 2.61 -11.98
CA ALA A 264 31.32 3.42 -11.04
C ALA A 264 31.13 4.83 -11.59
N GLY A 265 32.06 5.26 -12.44
CA GLY A 265 31.96 6.55 -13.11
C GLY A 265 30.74 6.58 -14.02
N TYR A 266 30.63 5.55 -14.87
CA TYR A 266 29.46 5.38 -15.73
C TYR A 266 28.23 5.25 -14.88
N HIS A 267 28.35 4.52 -13.78
CA HIS A 267 27.24 4.34 -12.82
C HIS A 267 26.69 5.69 -12.35
N GLN A 268 27.58 6.67 -12.22
CA GLN A 268 27.22 8.01 -11.75
C GLN A 268 26.22 8.69 -12.69
N THR A 269 26.36 8.44 -13.99
CA THR A 269 25.43 8.95 -14.97
C THR A 269 24.09 8.23 -14.92
N LEU A 270 24.14 6.91 -14.80
CA LEU A 270 22.94 6.11 -14.73
C LEU A 270 22.13 6.41 -13.48
N LEU A 271 22.79 6.85 -12.41
CA LEU A 271 22.09 7.27 -11.16
C LEU A 271 21.19 8.48 -11.38
N GLN A 272 21.63 9.35 -12.29
CA GLN A 272 20.92 10.58 -12.63
C GLN A 272 19.84 10.40 -13.70
N ILE A 273 19.99 9.40 -14.56
CA ILE A 273 19.19 9.35 -15.76
C ILE A 273 17.70 9.25 -15.45
N PRO A 274 17.31 8.46 -14.44
CA PRO A 274 15.87 8.22 -14.22
C PRO A 274 15.03 9.42 -13.73
N GLN A 275 15.64 10.58 -13.54
CA GLN A 275 14.92 11.82 -13.33
C GLN A 275 13.90 12.08 -14.44
N MET A 276 14.34 11.87 -15.67
CA MET A 276 13.51 12.15 -16.86
C MET A 276 12.20 11.34 -16.89
N TYR A 277 12.23 10.14 -16.32
CA TYR A 277 11.04 9.29 -16.34
C TYR A 277 9.95 9.89 -15.49
N GLN A 278 10.29 10.93 -14.71
CA GLN A 278 9.28 11.65 -13.94
C GLN A 278 8.45 12.64 -14.77
N LEU A 279 8.90 12.94 -15.98
CA LEU A 279 8.27 13.97 -16.80
C LEU A 279 6.88 13.62 -17.33
N ASP A 280 6.60 12.33 -17.49
CA ASP A 280 5.29 11.90 -17.88
C ASP A 280 5.01 10.48 -17.42
N THR A 281 3.73 10.11 -17.46
CA THR A 281 3.28 8.76 -17.17
C THR A 281 2.11 8.40 -18.08
N PRO A 282 2.33 7.47 -19.02
CA PRO A 282 3.58 6.72 -19.30
C PRO A 282 4.76 7.52 -19.83
N PHE A 283 5.98 7.13 -19.48
CA PHE A 283 7.19 7.84 -19.92
C PHE A 283 7.78 7.26 -21.22
N VAL A 284 6.98 6.42 -21.88
CA VAL A 284 7.37 5.88 -23.18
C VAL A 284 7.69 7.00 -24.18
N ASN A 285 6.96 8.10 -24.05
CA ASN A 285 7.18 9.26 -24.94
C ASN A 285 8.52 9.90 -24.63
N VAL A 286 8.82 10.00 -23.34
CA VAL A 286 10.07 10.59 -22.88
C VAL A 286 11.27 9.87 -23.51
N ILE A 287 11.20 8.54 -23.54
CA ILE A 287 12.30 7.73 -24.03
C ILE A 287 12.55 8.03 -25.51
N LYS A 288 11.47 8.03 -26.29
CA LYS A 288 11.57 8.28 -27.73
C LYS A 288 12.16 9.66 -28.02
N GLU A 289 11.73 10.65 -27.25
CA GLU A 289 12.17 12.04 -27.42
C GLU A 289 13.66 12.11 -27.12
N ALA A 290 14.10 11.28 -26.18
CA ALA A 290 15.50 11.21 -25.81
C ALA A 290 16.33 10.54 -26.93
N ILE A 291 15.72 9.61 -27.66
CA ILE A 291 16.40 8.96 -28.76
C ILE A 291 16.75 10.03 -29.78
N VAL A 292 15.77 10.87 -30.10
CA VAL A 292 15.91 11.94 -31.10
C VAL A 292 16.98 12.92 -30.67
N LEU A 293 16.80 13.46 -29.47
CA LEU A 293 17.77 14.42 -28.93
C LEU A 293 19.16 13.88 -28.85
N CYS A 294 19.33 12.56 -28.78
CA CYS A 294 20.67 11.96 -28.72
C CYS A 294 21.21 11.57 -30.10
N GLY A 295 20.50 11.96 -31.16
CA GLY A 295 21.04 11.91 -32.52
C GLY A 295 20.36 10.99 -33.52
N ARG A 296 19.33 10.27 -33.10
CA ARG A 296 18.61 9.35 -33.98
C ARG A 296 17.18 9.88 -34.27
N PRO A 297 16.97 10.51 -35.45
CA PRO A 297 15.67 11.17 -35.73
C PRO A 297 14.56 10.19 -36.10
N VAL A 298 13.81 9.78 -35.10
CA VAL A 298 12.70 8.88 -35.32
C VAL A 298 11.41 9.56 -34.91
N SER A 299 10.32 9.09 -35.50
CA SER A 299 9.02 9.51 -35.07
C SER A 299 8.89 9.18 -33.59
N THR A 300 8.38 10.12 -32.81
CA THR A 300 8.16 9.94 -31.39
C THR A 300 6.68 9.64 -31.07
N HIS A 301 5.87 9.40 -32.10
CA HIS A 301 4.48 9.01 -31.85
C HIS A 301 4.43 7.84 -30.84
N VAL A 302 3.40 7.90 -29.99
CA VAL A 302 3.13 6.91 -28.95
C VAL A 302 1.68 6.53 -28.98
N LEU A 303 1.37 5.31 -28.59
CA LEU A 303 -0.01 4.82 -28.63
C LEU A 303 -0.80 5.25 -27.41
N PRO A 304 -2.05 5.67 -27.60
CA PRO A 304 -2.76 6.08 -26.41
C PRO A 304 -2.87 4.90 -25.44
N PRO A 305 -3.06 5.18 -24.12
CA PRO A 305 -3.30 6.50 -23.54
C PRO A 305 -2.05 7.27 -23.16
N ALA A 306 -0.90 6.84 -23.65
CA ALA A 306 0.24 7.76 -23.66
C ALA A 306 -0.11 8.93 -24.59
N SER A 307 0.64 10.02 -24.47
CA SER A 307 0.40 11.19 -25.31
C SER A 307 1.71 11.89 -25.61
N PRO A 308 1.71 12.79 -26.62
CA PRO A 308 2.89 13.56 -26.92
C PRO A 308 3.38 14.38 -25.73
N LEU A 309 4.66 14.28 -25.42
CA LEU A 309 5.29 15.15 -24.43
C LEU A 309 5.22 16.62 -24.91
N ASP A 310 4.89 17.53 -24.00
CA ASP A 310 4.80 18.97 -24.32
C ASP A 310 6.17 19.62 -24.50
N GLU A 311 6.22 20.74 -25.22
CA GLU A 311 7.51 21.40 -25.55
C GLU A 311 8.33 21.83 -24.33
N PRO A 312 7.65 22.38 -23.29
CA PRO A 312 8.35 22.69 -22.04
C PRO A 312 9.13 21.49 -21.50
N ARG A 313 8.43 20.38 -21.30
CA ARG A 313 9.08 19.17 -20.80
C ARG A 313 10.10 18.54 -21.79
N LYS A 314 9.84 18.66 -23.09
CA LYS A 314 10.84 18.28 -24.10
C LYS A 314 12.12 19.06 -23.89
N ALA A 315 11.96 20.34 -23.60
CA ALA A 315 13.09 21.22 -23.38
C ALA A 315 13.81 20.89 -22.07
N GLN A 316 13.03 20.51 -21.07
CA GLN A 316 13.60 20.10 -19.78
C GLN A 316 14.37 18.78 -19.90
N LEU A 317 13.86 17.89 -20.74
CA LEU A 317 14.56 16.65 -21.06
C LEU A 317 15.91 16.99 -21.71
N LYS A 318 15.91 17.95 -22.61
CA LYS A 318 17.12 18.37 -23.32
C LYS A 318 18.24 18.82 -22.38
N THR A 319 17.91 19.75 -21.49
CA THR A 319 18.90 20.31 -20.56
C THR A 319 19.48 19.21 -19.68
N LEU A 320 18.64 18.24 -19.34
CA LEU A 320 19.06 17.07 -18.58
C LEU A 320 20.09 16.20 -19.32
N LEU A 321 19.76 15.85 -20.55
CA LEU A 321 20.65 15.05 -21.36
C LEU A 321 21.95 15.80 -21.56
N GLN A 322 21.86 17.11 -21.80
CA GLN A 322 23.06 17.98 -21.94
C GLN A 322 23.92 18.01 -20.68
N GLN A 323 23.28 18.30 -19.55
CA GLN A 323 23.94 18.26 -18.24
C GLN A 323 24.82 17.02 -18.05
N LEU A 324 24.30 15.86 -18.47
CA LEU A 324 24.98 14.57 -18.32
C LEU A 324 25.95 14.20 -19.47
N LYS A 325 26.17 15.12 -20.41
CA LYS A 325 27.11 14.86 -21.52
C LYS A 325 26.64 13.76 -22.47
N LEU A 326 25.34 13.66 -22.68
CA LEU A 326 24.78 12.64 -23.59
C LEU A 326 24.23 13.21 -24.93
N CYS A 327 24.36 14.52 -25.15
CA CYS A 327 23.97 15.16 -26.43
C CYS A 327 24.52 16.57 -26.57
N ALA B 30 -32.03 9.62 -14.88
CA ALA B 30 -30.99 8.72 -14.33
C ALA B 30 -30.98 7.37 -15.02
N LEU B 31 -29.87 7.07 -15.68
CA LEU B 31 -29.76 5.90 -16.51
C LEU B 31 -29.11 4.72 -15.78
N PHE B 32 -29.52 3.51 -16.15
CA PHE B 32 -28.95 2.29 -15.61
C PHE B 32 -28.99 2.22 -14.08
N THR B 33 -30.14 2.53 -13.48
CA THR B 33 -30.34 2.39 -12.04
C THR B 33 -30.79 0.96 -11.75
N GLY B 34 -30.94 0.62 -10.46
CA GLY B 34 -31.52 -0.68 -10.06
C GLY B 34 -30.51 -1.83 -9.99
N ILE B 35 -30.98 -3.05 -10.22
CA ILE B 35 -30.14 -4.26 -10.19
C ILE B 35 -29.68 -4.68 -11.58
N ILE B 36 -28.40 -4.49 -11.87
CA ILE B 36 -27.86 -4.80 -13.20
C ILE B 36 -26.69 -5.77 -13.09
N PRO B 37 -26.93 -7.07 -13.29
CA PRO B 37 -25.87 -8.04 -13.07
C PRO B 37 -24.72 -8.00 -14.08
N PRO B 38 -23.48 -8.17 -13.60
CA PRO B 38 -22.40 -8.45 -14.50
C PRO B 38 -22.47 -9.92 -14.85
N VAL B 39 -22.99 -10.18 -16.02
CA VAL B 39 -23.39 -11.51 -16.38
C VAL B 39 -22.14 -12.31 -16.70
N SER B 40 -22.19 -13.59 -16.33
CA SER B 40 -21.12 -14.52 -16.67
C SER B 40 -21.19 -14.93 -18.14
N THR B 41 -20.03 -15.02 -18.78
CA THR B 41 -19.93 -15.55 -20.13
C THR B 41 -19.74 -17.07 -20.04
N ILE B 42 -20.76 -17.83 -20.48
CA ILE B 42 -20.69 -19.30 -20.43
C ILE B 42 -19.82 -19.79 -21.59
N PHE B 43 -18.82 -20.62 -21.28
CA PHE B 43 -17.97 -21.19 -22.31
C PHE B 43 -18.16 -22.71 -22.33
N THR B 44 -17.93 -23.29 -23.49
CA THR B 44 -17.91 -24.75 -23.59
C THR B 44 -16.62 -25.27 -23.03
N ALA B 45 -16.54 -26.60 -22.91
CA ALA B 45 -15.32 -27.26 -22.43
C ALA B 45 -14.07 -27.01 -23.32
N ASP B 46 -14.28 -26.72 -24.62
CA ASP B 46 -13.18 -26.38 -25.55
C ASP B 46 -12.92 -24.86 -25.63
N GLY B 47 -13.63 -24.10 -24.81
CA GLY B 47 -13.39 -22.65 -24.67
C GLY B 47 -14.11 -21.74 -25.64
N GLN B 48 -15.17 -22.23 -26.29
CA GLN B 48 -15.97 -21.41 -27.21
C GLN B 48 -17.18 -20.84 -26.48
N LEU B 49 -17.73 -19.72 -26.95
CA LEU B 49 -18.96 -19.13 -26.38
C LEU B 49 -20.04 -20.22 -26.40
N ASP B 50 -20.67 -20.45 -25.26
CA ASP B 50 -21.77 -21.40 -25.14
C ASP B 50 -23.12 -20.68 -25.32
N LYS B 51 -23.62 -20.71 -26.53
CA LYS B 51 -24.76 -19.88 -26.88
C LYS B 51 -26.02 -20.33 -26.17
N PRO B 52 -26.32 -21.63 -26.16
CA PRO B 52 -27.48 -22.10 -25.38
C PRO B 52 -27.43 -21.76 -23.88
N GLY B 53 -26.28 -21.98 -23.26
CA GLY B 53 -26.12 -21.71 -21.83
C GLY B 53 -26.22 -20.24 -21.44
N THR B 54 -25.41 -19.42 -22.10
CA THR B 54 -25.40 -17.97 -21.93
C THR B 54 -26.78 -17.35 -22.19
N ALA B 55 -27.48 -17.91 -23.16
CA ALA B 55 -28.85 -17.52 -23.49
C ALA B 55 -29.84 -17.87 -22.34
N ALA B 56 -29.68 -19.06 -21.76
CA ALA B 56 -30.55 -19.48 -20.66
C ALA B 56 -30.31 -18.60 -19.45
N LEU B 57 -29.04 -18.34 -19.16
CA LEU B 57 -28.65 -17.46 -18.06
C LEU B 57 -29.32 -16.11 -18.20
N ILE B 58 -29.07 -15.45 -19.33
CA ILE B 58 -29.75 -14.19 -19.66
C ILE B 58 -31.27 -14.24 -19.40
N ASP B 59 -31.94 -15.31 -19.83
CA ASP B 59 -33.40 -15.42 -19.71
C ASP B 59 -33.88 -15.59 -18.28
N ASP B 60 -33.12 -16.32 -17.48
CA ASP B 60 -33.38 -16.42 -16.04
C ASP B 60 -33.34 -15.04 -15.37
N LEU B 61 -32.29 -14.27 -15.66
CA LEU B 61 -32.10 -12.98 -15.02
C LEU B 61 -33.22 -11.99 -15.42
N ILE B 62 -33.55 -11.96 -16.72
CA ILE B 62 -34.61 -11.08 -17.19
C ILE B 62 -35.86 -11.50 -16.47
N LYS B 63 -36.12 -12.81 -16.40
CA LYS B 63 -37.29 -13.34 -15.70
C LYS B 63 -37.30 -13.00 -14.20
N ALA B 64 -36.11 -12.94 -13.59
CA ALA B 64 -35.97 -12.55 -12.16
C ALA B 64 -36.35 -11.09 -11.83
N GLY B 65 -36.44 -10.25 -12.88
CA GLY B 65 -36.86 -8.85 -12.74
C GLY B 65 -35.71 -7.86 -12.63
N VAL B 66 -34.51 -8.22 -13.14
CA VAL B 66 -33.37 -7.29 -13.07
C VAL B 66 -33.64 -6.07 -13.94
N ASP B 67 -32.89 -5.01 -13.71
CA ASP B 67 -33.13 -3.72 -14.39
C ASP B 67 -32.26 -3.46 -15.61
N GLY B 68 -31.33 -4.39 -15.87
CA GLY B 68 -30.48 -4.31 -17.03
C GLY B 68 -29.56 -5.50 -17.01
N LEU B 69 -28.70 -5.62 -18.03
CA LEU B 69 -27.62 -6.64 -18.06
C LEU B 69 -26.26 -6.06 -18.51
N PHE B 70 -25.22 -6.47 -17.82
CA PHE B 70 -23.86 -6.02 -18.08
C PHE B 70 -22.94 -7.17 -18.54
N PHE B 71 -22.63 -7.21 -19.83
CA PHE B 71 -21.78 -8.24 -20.40
C PHE B 71 -20.35 -7.75 -20.50
N LEU B 72 -19.45 -8.70 -20.40
CA LEU B 72 -17.98 -8.44 -20.49
C LEU B 72 -17.48 -7.51 -19.40
N GLY B 73 -18.00 -7.74 -18.19
CA GLY B 73 -17.45 -7.18 -16.97
C GLY B 73 -16.30 -8.01 -16.49
N SER B 74 -15.85 -7.77 -15.25
CA SER B 74 -14.72 -8.53 -14.71
C SER B 74 -15.11 -9.98 -14.62
N GLY B 75 -16.31 -10.19 -14.06
CA GLY B 75 -16.90 -11.52 -13.91
C GLY B 75 -17.24 -12.17 -15.24
N GLY B 76 -17.52 -11.33 -16.24
CA GLY B 76 -17.67 -11.79 -17.65
C GLY B 76 -16.38 -12.25 -18.33
N GLU B 77 -15.26 -12.16 -17.62
CA GLU B 77 -13.96 -12.57 -18.12
C GLU B 77 -13.45 -11.73 -19.29
N PHE B 78 -13.81 -10.45 -19.30
CA PHE B 78 -13.41 -9.57 -20.40
C PHE B 78 -11.88 -9.59 -20.65
N SER B 79 -11.10 -9.65 -19.58
CA SER B 79 -9.61 -9.52 -19.65
C SER B 79 -8.81 -10.80 -20.03
N GLN B 80 -9.50 -11.92 -20.09
CA GLN B 80 -8.91 -13.19 -20.61
C GLN B 80 -9.30 -13.42 -22.08
N LEU B 81 -10.07 -12.49 -22.65
CA LEU B 81 -10.58 -12.60 -24.04
C LEU B 81 -9.91 -11.64 -25.03
N GLY B 82 -9.65 -12.12 -26.25
CA GLY B 82 -9.21 -11.24 -27.31
C GLY B 82 -10.34 -10.38 -27.83
N ALA B 83 -9.95 -9.38 -28.60
CA ALA B 83 -10.89 -8.36 -29.12
C ALA B 83 -12.05 -8.94 -29.93
N GLU B 84 -11.72 -9.80 -30.88
CA GLU B 84 -12.73 -10.32 -31.81
C GLU B 84 -13.76 -11.18 -31.08
N GLU B 85 -13.30 -11.90 -30.05
CA GLU B 85 -14.17 -12.74 -29.23
C GLU B 85 -15.20 -11.92 -28.45
N ARG B 86 -14.73 -10.80 -27.89
CA ARG B 86 -15.56 -9.88 -27.13
C ARG B 86 -16.62 -9.27 -28.02
N LYS B 87 -16.26 -9.01 -29.27
CA LYS B 87 -17.23 -8.50 -30.24
C LYS B 87 -18.35 -9.51 -30.46
N ALA B 88 -17.91 -10.73 -30.71
CA ALA B 88 -18.81 -11.85 -30.97
C ALA B 88 -19.76 -12.04 -29.80
N ILE B 89 -19.24 -11.95 -28.59
CA ILE B 89 -20.01 -12.17 -27.37
C ILE B 89 -21.01 -11.04 -27.14
N ALA B 90 -20.55 -9.81 -27.31
CA ALA B 90 -21.40 -8.65 -27.18
C ALA B 90 -22.58 -8.73 -28.18
N ARG B 91 -22.25 -8.99 -29.44
CA ARG B 91 -23.25 -9.04 -30.51
C ARG B 91 -24.32 -10.09 -30.21
N PHE B 92 -23.87 -11.29 -29.85
CA PHE B 92 -24.75 -12.36 -29.48
C PHE B 92 -25.62 -11.97 -28.30
N ALA B 93 -24.99 -11.41 -27.27
CA ALA B 93 -25.69 -11.03 -26.03
C ALA B 93 -26.77 -9.99 -26.28
N ILE B 94 -26.44 -9.00 -27.09
CA ILE B 94 -27.37 -7.92 -27.40
C ILE B 94 -28.57 -8.47 -28.17
N ASP B 95 -28.26 -9.26 -29.19
CA ASP B 95 -29.24 -9.91 -30.01
C ASP B 95 -30.17 -10.77 -29.16
N HIS B 96 -29.64 -11.57 -28.23
CA HIS B 96 -30.52 -12.45 -27.44
C HIS B 96 -31.41 -11.68 -26.49
N VAL B 97 -30.89 -10.58 -25.94
CA VAL B 97 -31.68 -9.73 -25.04
C VAL B 97 -32.83 -9.07 -25.78
N ASP B 98 -32.58 -8.67 -27.03
CA ASP B 98 -33.63 -8.20 -27.93
C ASP B 98 -34.42 -7.04 -27.29
N ARG B 99 -33.68 -6.11 -26.67
CA ARG B 99 -34.20 -4.91 -26.04
C ARG B 99 -35.16 -5.12 -24.87
N ARG B 100 -35.29 -6.35 -24.35
CA ARG B 100 -36.23 -6.59 -23.22
C ARG B 100 -35.78 -5.82 -21.96
N VAL B 101 -34.47 -5.69 -21.81
CA VAL B 101 -33.85 -4.83 -20.76
C VAL B 101 -32.64 -4.12 -21.34
N PRO B 102 -32.24 -2.98 -20.73
CA PRO B 102 -31.05 -2.29 -21.22
C PRO B 102 -29.80 -3.12 -21.06
N VAL B 103 -28.92 -3.05 -22.05
CA VAL B 103 -27.71 -3.84 -22.10
C VAL B 103 -26.53 -2.90 -21.98
N LEU B 104 -25.55 -3.28 -21.15
CA LEU B 104 -24.27 -2.59 -21.05
C LEU B 104 -23.15 -3.50 -21.51
N ILE B 105 -22.27 -3.00 -22.37
CA ILE B 105 -21.13 -3.75 -22.81
C ILE B 105 -19.85 -3.17 -22.21
N GLY B 106 -19.08 -4.02 -21.56
CA GLY B 106 -17.81 -3.58 -21.00
C GLY B 106 -16.75 -3.62 -22.07
N THR B 107 -16.18 -2.46 -22.39
CA THR B 107 -15.32 -2.32 -23.56
C THR B 107 -13.91 -1.88 -23.24
N GLY B 108 -13.56 -1.90 -21.97
CA GLY B 108 -12.27 -1.36 -21.53
C GLY B 108 -11.13 -2.36 -21.56
N GLY B 109 -10.03 -1.94 -21.01
CA GLY B 109 -8.81 -2.65 -21.15
C GLY B 109 -7.66 -1.67 -21.12
N THR B 110 -6.53 -2.12 -21.67
CA THR B 110 -5.29 -1.37 -21.62
C THR B 110 -5.03 -0.65 -22.94
N ASN B 111 -5.48 -1.29 -24.01
CA ASN B 111 -5.32 -0.74 -25.36
C ASN B 111 -6.43 0.26 -25.71
N ALA B 112 -6.08 1.54 -25.68
CA ALA B 112 -7.04 2.62 -25.89
C ALA B 112 -7.75 2.55 -27.24
N ARG B 113 -6.98 2.35 -28.31
CA ARG B 113 -7.58 2.18 -29.64
C ARG B 113 -8.55 1.00 -29.69
N GLU B 114 -8.20 -0.04 -28.94
CA GLU B 114 -9.08 -1.21 -28.84
C GLU B 114 -10.35 -0.85 -28.10
N THR B 115 -10.22 0.03 -27.10
CA THR B 115 -11.38 0.47 -26.34
C THR B 115 -12.41 1.24 -27.22
N ILE B 116 -11.88 2.08 -28.10
CA ILE B 116 -12.71 2.85 -29.05
C ILE B 116 -13.40 1.90 -30.05
N GLU B 117 -12.58 1.07 -30.70
CA GLU B 117 -13.07 0.03 -31.61
C GLU B 117 -14.23 -0.74 -30.97
N LEU B 118 -13.95 -1.36 -29.84
CA LEU B 118 -14.94 -2.14 -29.13
C LEU B 118 -16.13 -1.31 -28.73
N SER B 119 -15.88 -0.06 -28.36
CA SER B 119 -17.00 0.83 -27.91
C SER B 119 -17.97 1.18 -29.07
N GLN B 120 -17.39 1.46 -30.24
CA GLN B 120 -18.16 1.80 -31.45
C GLN B 120 -18.93 0.59 -31.94
N HIS B 121 -18.25 -0.54 -31.88
CA HIS B 121 -18.87 -1.81 -32.21
C HIS B 121 -20.05 -2.06 -31.29
N ALA B 122 -19.85 -1.82 -30.00
CA ALA B 122 -20.95 -1.97 -29.07
C ALA B 122 -22.15 -1.15 -29.55
N GLN B 123 -21.86 0.05 -30.02
CA GLN B 123 -22.87 0.94 -30.52
C GLN B 123 -23.57 0.38 -31.77
N GLN B 124 -22.78 0.01 -32.77
CA GLN B 124 -23.30 -0.54 -34.03
C GLN B 124 -24.14 -1.78 -33.79
N ALA B 125 -23.66 -2.60 -32.87
CA ALA B 125 -24.35 -3.84 -32.52
C ALA B 125 -25.65 -3.61 -31.69
N GLY B 126 -25.91 -2.38 -31.29
CA GLY B 126 -27.21 -2.06 -30.63
C GLY B 126 -27.22 -1.99 -29.10
N ALA B 127 -26.04 -1.88 -28.50
CA ALA B 127 -25.93 -1.74 -27.05
C ALA B 127 -26.55 -0.44 -26.61
N ASP B 128 -27.04 -0.41 -25.37
CA ASP B 128 -27.60 0.80 -24.79
C ASP B 128 -26.57 1.68 -24.07
N GLY B 129 -25.40 1.09 -23.78
CA GLY B 129 -24.30 1.81 -23.13
C GLY B 129 -23.04 0.95 -22.95
N ILE B 130 -21.94 1.62 -22.64
CA ILE B 130 -20.66 0.92 -22.43
C ILE B 130 -20.19 1.18 -21.01
N VAL B 131 -19.34 0.28 -20.53
CA VAL B 131 -18.77 0.41 -19.19
C VAL B 131 -17.29 0.37 -19.32
N VAL B 132 -16.64 1.44 -18.90
CA VAL B 132 -15.24 1.62 -19.19
C VAL B 132 -14.44 1.76 -17.91
N ILE B 133 -13.48 0.85 -17.75
CA ILE B 133 -12.58 0.88 -16.62
C ILE B 133 -11.36 1.70 -17.02
N ASN B 134 -10.67 2.24 -16.03
CA ASN B 134 -9.39 2.92 -16.28
C ASN B 134 -8.29 1.91 -16.65
N PRO B 135 -7.34 2.34 -17.53
CA PRO B 135 -6.30 1.46 -17.95
C PRO B 135 -5.50 0.98 -16.75
N TYR B 136 -5.19 -0.32 -16.75
CA TYR B 136 -4.77 -0.95 -15.52
C TYR B 136 -3.40 -1.53 -15.50
N TYR B 137 -2.61 -1.35 -16.56
CA TYR B 137 -1.17 -1.69 -16.50
C TYR B 137 -0.39 -0.44 -16.09
N TRP B 138 -0.07 0.43 -17.03
CA TRP B 138 0.38 1.77 -16.67
C TRP B 138 -0.69 2.43 -15.82
N LYS B 139 -0.28 3.04 -14.71
CA LYS B 139 -1.21 3.89 -13.95
C LYS B 139 -0.96 5.30 -14.44
N VAL B 140 -1.95 5.74 -15.22
CA VAL B 140 -1.82 6.84 -16.16
C VAL B 140 -1.91 8.18 -15.42
N SER B 141 -1.05 9.13 -15.81
CA SER B 141 -1.18 10.49 -15.29
C SER B 141 -2.63 10.93 -15.37
N GLU B 142 -3.04 11.74 -14.40
CA GLU B 142 -4.36 12.36 -14.40
C GLU B 142 -4.73 13.03 -15.73
N ALA B 143 -3.80 13.79 -16.29
CA ALA B 143 -4.04 14.48 -17.56
C ALA B 143 -4.38 13.46 -18.63
N ASN B 144 -3.61 12.40 -18.70
CA ASN B 144 -3.86 11.33 -19.66
C ASN B 144 -5.13 10.49 -19.39
N LEU B 145 -5.53 10.42 -18.13
CA LEU B 145 -6.67 9.61 -17.74
C LEU B 145 -7.95 10.36 -18.14
N ILE B 146 -7.93 11.65 -17.88
CA ILE B 146 -9.04 12.50 -18.28
C ILE B 146 -9.09 12.49 -19.81
N ARG B 147 -7.92 12.65 -20.46
CA ARG B 147 -7.83 12.62 -21.93
C ARG B 147 -8.38 11.28 -22.46
N TYR B 148 -8.00 10.19 -21.86
CA TYR B 148 -8.50 8.86 -22.31
C TYR B 148 -10.03 8.70 -22.22
N PHE B 149 -10.59 8.95 -21.06
CA PHE B 149 -12.03 8.87 -20.88
C PHE B 149 -12.83 9.85 -21.77
N GLU B 150 -12.23 11.00 -22.07
CA GLU B 150 -12.88 11.97 -22.96
C GLU B 150 -12.89 11.40 -24.37
N GLN B 151 -11.79 10.83 -24.79
CA GLN B 151 -11.68 10.32 -26.15
C GLN B 151 -12.67 9.17 -26.35
N VAL B 152 -12.72 8.26 -25.41
CA VAL B 152 -13.65 7.14 -25.50
C VAL B 152 -15.07 7.66 -25.49
N ALA B 153 -15.35 8.61 -24.62
CA ALA B 153 -16.71 9.17 -24.54
C ALA B 153 -17.11 9.86 -25.85
N ASP B 154 -16.15 10.54 -26.48
CA ASP B 154 -16.37 11.18 -27.78
C ASP B 154 -16.48 10.22 -28.98
N SER B 155 -16.12 8.94 -28.78
CA SER B 155 -16.12 7.99 -29.88
C SER B 155 -17.49 7.36 -30.06
N VAL B 156 -18.39 7.59 -29.10
CA VAL B 156 -19.73 7.06 -29.17
C VAL B 156 -20.72 8.10 -28.77
N THR B 157 -21.99 7.83 -29.07
CA THR B 157 -23.08 8.68 -28.59
C THR B 157 -23.85 7.97 -27.49
N LEU B 158 -23.39 6.77 -27.15
CA LEU B 158 -24.04 5.97 -26.10
C LEU B 158 -23.68 6.55 -24.73
N PRO B 159 -24.56 6.34 -23.74
CA PRO B 159 -24.16 6.66 -22.38
C PRO B 159 -23.02 5.77 -21.95
N VAL B 160 -22.14 6.36 -21.13
CA VAL B 160 -20.88 5.73 -20.71
C VAL B 160 -20.81 5.65 -19.20
N MET B 161 -20.54 4.44 -18.72
CA MET B 161 -20.43 4.16 -17.31
C MET B 161 -18.95 3.93 -16.97
N LEU B 162 -18.42 4.70 -16.03
CA LEU B 162 -17.09 4.48 -15.56
C LEU B 162 -17.07 3.23 -14.72
N TYR B 163 -15.89 2.66 -14.59
CA TYR B 163 -15.70 1.46 -13.77
C TYR B 163 -14.45 1.62 -12.90
N ASN B 164 -14.69 1.79 -11.60
CA ASN B 164 -13.62 1.84 -10.61
C ASN B 164 -13.47 0.50 -9.94
N PHE B 165 -12.24 0.00 -9.85
CA PHE B 165 -11.96 -1.25 -9.19
C PHE B 165 -10.48 -1.22 -8.75
N PRO B 166 -10.16 -0.38 -7.77
CA PRO B 166 -8.74 -0.04 -7.44
C PRO B 166 -7.89 -1.23 -6.99
N ALA B 167 -8.49 -2.12 -6.21
CA ALA B 167 -7.86 -3.38 -5.78
C ALA B 167 -7.16 -4.06 -6.97
N LEU B 168 -7.81 -4.03 -8.13
CA LEU B 168 -7.23 -4.60 -9.36
C LEU B 168 -6.51 -3.60 -10.25
N THR B 169 -6.99 -2.37 -10.32
CA THR B 169 -6.35 -1.38 -11.23
C THR B 169 -5.07 -0.72 -10.66
N GLY B 170 -4.91 -0.66 -9.34
CA GLY B 170 -3.82 0.07 -8.71
C GLY B 170 -3.94 1.59 -8.83
N GLN B 171 -5.07 2.06 -9.39
CA GLN B 171 -5.38 3.47 -9.56
C GLN B 171 -6.86 3.74 -9.34
N ASP B 172 -7.14 4.51 -8.30
CA ASP B 172 -8.51 4.85 -7.90
C ASP B 172 -9.09 6.00 -8.72
N LEU B 173 -10.32 5.80 -9.17
CA LEU B 173 -11.14 6.89 -9.69
C LEU B 173 -11.76 7.63 -8.52
N THR B 174 -11.14 8.74 -8.14
CA THR B 174 -11.51 9.49 -6.96
C THR B 174 -12.80 10.22 -7.27
N PRO B 175 -13.64 10.45 -6.25
CA PRO B 175 -14.87 11.24 -6.45
C PRO B 175 -14.61 12.56 -7.18
N ALA B 176 -13.60 13.31 -6.75
CA ALA B 176 -13.24 14.57 -7.38
C ALA B 176 -13.04 14.36 -8.87
N LEU B 177 -12.20 13.38 -9.22
CA LEU B 177 -11.90 13.12 -10.63
C LEU B 177 -13.14 12.64 -11.43
N VAL B 178 -13.97 11.79 -10.84
CA VAL B 178 -15.23 11.39 -11.46
C VAL B 178 -16.14 12.61 -11.69
N LYS B 179 -16.03 13.59 -10.81
CA LYS B 179 -16.80 14.84 -10.98
C LYS B 179 -16.21 15.69 -12.13
N THR B 180 -14.90 15.82 -12.19
CA THR B 180 -14.23 16.41 -13.38
C THR B 180 -14.66 15.74 -14.71
N LEU B 181 -14.80 14.41 -14.74
CA LEU B 181 -15.21 13.68 -15.96
C LEU B 181 -16.67 13.91 -16.33
N ALA B 182 -17.57 13.90 -15.34
CA ALA B 182 -19.00 14.20 -15.55
C ALA B 182 -19.21 15.66 -15.96
N ASP B 183 -18.33 16.53 -15.47
CA ASP B 183 -18.36 17.96 -15.82
C ASP B 183 -17.91 18.20 -17.26
N SER B 184 -17.09 17.30 -17.78
CA SER B 184 -16.49 17.49 -19.09
C SER B 184 -17.36 16.94 -20.21
N ARG B 185 -18.06 15.83 -19.96
CA ARG B 185 -18.77 15.08 -21.01
C ARG B 185 -20.14 14.65 -20.58
N SER B 186 -21.17 15.09 -21.30
CA SER B 186 -22.57 14.89 -20.84
C SER B 186 -23.02 13.43 -20.95
N ASN B 187 -22.29 12.66 -21.74
CA ASN B 187 -22.53 11.21 -21.85
C ASN B 187 -21.79 10.34 -20.81
N ILE B 188 -20.95 10.94 -19.96
CA ILE B 188 -20.45 10.22 -18.80
C ILE B 188 -21.49 10.40 -17.68
N ILE B 189 -22.30 9.38 -17.48
CA ILE B 189 -23.52 9.53 -16.68
C ILE B 189 -23.64 8.58 -15.51
N GLY B 190 -22.57 7.85 -15.22
CA GLY B 190 -22.58 6.98 -14.08
C GLY B 190 -21.30 6.25 -13.74
N ILE B 191 -21.39 5.43 -12.69
CA ILE B 191 -20.26 4.63 -12.21
C ILE B 191 -20.65 3.36 -11.42
N LYS B 192 -19.95 2.28 -11.72
CA LYS B 192 -19.90 1.10 -10.92
C LYS B 192 -18.67 1.25 -10.02
N ASP B 193 -18.91 1.43 -8.72
CA ASP B 193 -17.81 1.61 -7.77
C ASP B 193 -17.52 0.30 -7.03
N THR B 194 -16.40 -0.32 -7.38
CA THR B 194 -16.05 -1.63 -6.86
C THR B 194 -14.97 -1.54 -5.78
N ILE B 195 -15.42 -1.41 -4.54
CA ILE B 195 -14.55 -1.22 -3.41
C ILE B 195 -15.33 -1.49 -2.10
N ASP B 196 -14.68 -2.19 -1.17
CA ASP B 196 -15.28 -2.47 0.16
C ASP B 196 -15.01 -1.26 1.02
N SER B 197 -15.84 -0.23 0.87
CA SER B 197 -15.64 1.05 1.58
C SER B 197 -16.91 1.90 1.57
N VAL B 198 -17.47 2.15 2.74
CA VAL B 198 -18.62 3.06 2.83
C VAL B 198 -18.17 4.48 2.47
N ALA B 199 -17.01 4.90 2.93
CA ALA B 199 -16.47 6.26 2.67
C ALA B 199 -16.37 6.61 1.18
N HIS B 200 -15.90 5.66 0.38
CA HIS B 200 -15.71 5.97 -1.06
C HIS B 200 -17.10 6.08 -1.72
N LEU B 201 -17.99 5.18 -1.38
CA LEU B 201 -19.36 5.24 -1.88
C LEU B 201 -20.05 6.57 -1.51
N ARG B 202 -19.97 6.93 -0.23
CA ARG B 202 -20.63 8.14 0.30
C ARG B 202 -20.04 9.39 -0.32
N SER B 203 -18.72 9.40 -0.42
CA SER B 203 -17.99 10.53 -0.99
C SER B 203 -18.28 10.65 -2.48
N MET B 204 -18.45 9.50 -3.14
CA MET B 204 -18.82 9.47 -4.54
C MET B 204 -20.20 10.08 -4.72
N ILE B 205 -21.13 9.70 -3.85
CA ILE B 205 -22.48 10.21 -3.96
C ILE B 205 -22.51 11.73 -3.71
N HIS B 206 -21.84 12.19 -2.67
CA HIS B 206 -21.94 13.62 -2.33
C HIS B 206 -21.27 14.49 -3.36
N THR B 207 -20.05 14.14 -3.73
CA THR B 207 -19.31 14.95 -4.67
C THR B 207 -19.99 14.95 -6.05
N VAL B 208 -20.34 13.77 -6.55
CA VAL B 208 -20.74 13.67 -7.94
C VAL B 208 -22.21 13.94 -8.10
N LYS B 209 -23.05 13.27 -7.32
CA LYS B 209 -24.50 13.47 -7.41
C LYS B 209 -24.99 14.86 -6.92
N GLY B 210 -24.24 15.45 -5.99
CA GLY B 210 -24.52 16.83 -5.52
C GLY B 210 -24.34 17.82 -6.67
N ALA B 211 -23.30 17.60 -7.49
CA ALA B 211 -23.05 18.38 -8.72
C ALA B 211 -23.92 17.92 -9.90
N HIS B 212 -24.19 16.61 -9.98
CA HIS B 212 -24.96 16.00 -11.09
C HIS B 212 -26.03 15.02 -10.58
N PRO B 213 -27.23 15.52 -10.25
CA PRO B 213 -28.19 14.69 -9.51
C PRO B 213 -28.62 13.39 -10.17
N HIS B 214 -28.58 13.31 -11.51
CA HIS B 214 -29.06 12.10 -12.22
C HIS B 214 -27.93 11.23 -12.70
N PHE B 215 -26.71 11.54 -12.24
CA PHE B 215 -25.52 10.73 -12.46
C PHE B 215 -25.62 9.46 -11.62
N THR B 216 -25.39 8.31 -12.22
CA THR B 216 -25.72 7.03 -11.54
C THR B 216 -24.53 6.47 -10.75
N VAL B 217 -24.79 6.04 -9.53
CA VAL B 217 -23.79 5.44 -8.68
C VAL B 217 -24.26 4.05 -8.30
N LEU B 218 -23.57 3.06 -8.80
CA LEU B 218 -23.83 1.66 -8.46
C LEU B 218 -22.62 1.13 -7.74
N CYS B 219 -22.84 0.27 -6.75
CA CYS B 219 -21.73 -0.39 -6.09
C CYS B 219 -21.44 -1.72 -6.77
N GLY B 220 -20.19 -2.17 -6.65
CA GLY B 220 -19.72 -3.36 -7.33
C GLY B 220 -19.79 -4.59 -6.46
N TYR B 221 -20.12 -4.42 -5.19
CA TYR B 221 -20.13 -5.52 -4.24
C TYR B 221 -21.49 -5.70 -3.58
N ASP B 222 -21.84 -6.96 -3.32
CA ASP B 222 -23.22 -7.31 -2.90
C ASP B 222 -23.57 -6.71 -1.56
N ASP B 223 -22.55 -6.65 -0.68
CA ASP B 223 -22.76 -6.28 0.73
C ASP B 223 -22.94 -4.76 0.92
N HIS B 224 -22.82 -4.00 -0.17
CA HIS B 224 -22.89 -2.55 -0.14
C HIS B 224 -24.11 -1.98 -0.83
N LEU B 225 -24.92 -2.84 -1.42
CA LEU B 225 -26.12 -2.41 -2.08
C LEU B 225 -27.03 -1.59 -1.17
N PHE B 226 -27.45 -2.19 -0.06
CA PHE B 226 -28.39 -1.56 0.91
C PHE B 226 -27.88 -0.19 1.35
N ASN B 227 -26.63 -0.18 1.81
CA ASN B 227 -25.93 1.06 2.14
C ASN B 227 -25.90 2.04 0.98
N THR B 228 -25.59 1.56 -0.21
CA THR B 228 -25.52 2.45 -1.37
C THR B 228 -26.91 3.13 -1.55
N LEU B 229 -27.99 2.37 -1.40
CA LEU B 229 -29.32 2.93 -1.49
C LEU B 229 -29.55 3.98 -0.41
N LEU B 230 -29.25 3.63 0.83
CA LEU B 230 -29.49 4.53 1.97
C LEU B 230 -28.66 5.81 1.95
N LEU B 231 -27.56 5.78 1.21
CA LEU B 231 -26.67 6.93 1.03
C LEU B 231 -27.13 7.86 -0.11
N GLY B 232 -28.18 7.47 -0.82
CA GLY B 232 -28.71 8.26 -1.94
C GLY B 232 -28.17 7.82 -3.30
N GLY B 233 -27.57 6.63 -3.31
CA GLY B 233 -27.08 5.98 -4.55
C GLY B 233 -28.16 5.17 -5.24
N ASP B 234 -27.75 4.45 -6.29
CA ASP B 234 -28.66 4.03 -7.37
C ASP B 234 -28.86 2.55 -7.57
N GLY B 235 -27.96 1.74 -7.00
CA GLY B 235 -28.10 0.30 -7.09
C GLY B 235 -26.80 -0.46 -7.06
N ALA B 236 -26.83 -1.65 -7.66
CA ALA B 236 -25.69 -2.55 -7.66
C ALA B 236 -25.52 -3.29 -8.96
N ILE B 237 -24.26 -3.35 -9.41
CA ILE B 237 -23.78 -4.36 -10.33
C ILE B 237 -22.89 -5.31 -9.52
N SER B 238 -23.39 -6.49 -9.20
CA SER B 238 -22.63 -7.41 -8.36
C SER B 238 -22.88 -8.86 -8.70
N ALA B 239 -21.85 -9.68 -8.44
CA ALA B 239 -21.85 -11.09 -8.86
C ALA B 239 -23.08 -11.92 -8.43
N SER B 240 -23.61 -11.68 -7.23
CA SER B 240 -24.75 -12.46 -6.74
C SER B 240 -25.97 -12.36 -7.69
N GLY B 241 -25.94 -11.37 -8.58
CA GLY B 241 -27.00 -11.20 -9.59
C GLY B 241 -27.10 -12.36 -10.57
N ASN B 242 -26.01 -13.09 -10.74
CA ASN B 242 -26.01 -14.26 -11.60
C ASN B 242 -26.78 -15.45 -11.06
N PHE B 243 -26.51 -15.81 -9.82
CA PHE B 243 -27.05 -17.04 -9.24
C PHE B 243 -28.10 -16.73 -8.21
N ALA B 244 -28.21 -15.50 -7.78
CA ALA B 244 -29.23 -15.17 -6.79
C ALA B 244 -29.85 -13.75 -6.94
N PRO B 245 -30.19 -13.36 -8.17
CA PRO B 245 -30.71 -12.00 -8.39
C PRO B 245 -32.01 -11.68 -7.61
N GLN B 246 -32.80 -12.67 -7.25
CA GLN B 246 -34.05 -12.39 -6.49
C GLN B 246 -33.77 -11.57 -5.22
N VAL B 247 -32.65 -11.87 -4.57
CA VAL B 247 -32.29 -11.23 -3.32
C VAL B 247 -32.08 -9.73 -3.52
N SER B 248 -31.23 -9.35 -4.49
CA SER B 248 -31.01 -7.93 -4.80
C SER B 248 -32.24 -7.23 -5.41
N VAL B 249 -32.96 -7.95 -6.27
CA VAL B 249 -34.16 -7.42 -6.93
C VAL B 249 -35.27 -7.12 -5.91
N ASN B 250 -35.46 -8.03 -4.95
CA ASN B 250 -36.46 -7.87 -3.90
C ASN B 250 -36.06 -6.83 -2.86
N LEU B 251 -34.76 -6.75 -2.58
CA LEU B 251 -34.24 -5.68 -1.73
C LEU B 251 -34.63 -4.33 -2.35
N LEU B 252 -34.23 -4.13 -3.61
CA LEU B 252 -34.56 -2.91 -4.33
C LEU B 252 -36.05 -2.63 -4.33
N LYS B 253 -36.85 -3.65 -4.65
CA LYS B 253 -38.29 -3.48 -4.68
C LYS B 253 -38.81 -3.05 -3.30
N ALA B 254 -38.35 -3.74 -2.28
CA ALA B 254 -38.75 -3.46 -0.89
C ALA B 254 -38.43 -2.04 -0.47
N TRP B 255 -37.20 -1.61 -0.79
CA TRP B 255 -36.76 -0.25 -0.51
C TRP B 255 -37.58 0.79 -1.26
N ARG B 256 -37.81 0.54 -2.54
CA ARG B 256 -38.68 1.43 -3.33
C ARG B 256 -40.13 1.51 -2.79
N ASP B 257 -40.68 0.39 -2.29
CA ASP B 257 -42.03 0.41 -1.63
C ASP B 257 -42.00 1.01 -0.22
N GLY B 258 -40.83 1.42 0.26
CA GLY B 258 -40.71 2.03 1.59
C GLY B 258 -40.55 1.05 2.72
N ASP B 259 -40.65 -0.24 2.44
CA ASP B 259 -40.54 -1.25 3.47
C ASP B 259 -39.08 -1.58 3.76
N VAL B 260 -38.47 -0.74 4.60
CA VAL B 260 -37.04 -0.84 4.96
C VAL B 260 -36.68 -2.13 5.71
N ALA B 261 -37.59 -2.59 6.56
CA ALA B 261 -37.35 -3.80 7.37
C ALA B 261 -37.10 -4.99 6.45
N LYS B 262 -38.06 -5.26 5.57
CA LYS B 262 -37.96 -6.31 4.55
C LYS B 262 -36.65 -6.16 3.72
N ALA B 263 -36.30 -4.92 3.42
CA ALA B 263 -35.12 -4.63 2.62
C ALA B 263 -33.78 -4.94 3.35
N ALA B 264 -33.75 -4.70 4.66
CA ALA B 264 -32.61 -5.01 5.50
C ALA B 264 -32.50 -6.51 5.75
N GLY B 265 -33.64 -7.20 5.68
CA GLY B 265 -33.66 -8.65 5.78
C GLY B 265 -32.89 -9.27 4.63
N TYR B 266 -33.24 -8.88 3.41
CA TYR B 266 -32.51 -9.31 2.22
C TYR B 266 -31.06 -8.90 2.31
N HIS B 267 -30.83 -7.70 2.83
CA HIS B 267 -29.48 -7.20 3.03
C HIS B 267 -28.64 -8.16 3.88
N GLN B 268 -29.28 -8.81 4.83
CA GLN B 268 -28.60 -9.74 5.75
C GLN B 268 -27.96 -10.91 5.00
N THR B 269 -28.62 -11.34 3.93
CA THR B 269 -28.10 -12.40 3.09
C THR B 269 -26.93 -11.90 2.26
N LEU B 270 -27.08 -10.73 1.69
CA LEU B 270 -26.06 -10.15 0.84
C LEU B 270 -24.79 -9.84 1.61
N LEU B 271 -24.93 -9.59 2.90
CA LEU B 271 -23.76 -9.37 3.78
C LEU B 271 -22.88 -10.63 3.87
N GLN B 272 -23.52 -11.79 3.81
CA GLN B 272 -22.84 -13.07 3.93
C GLN B 272 -22.30 -13.60 2.63
N ILE B 273 -22.90 -13.19 1.53
CA ILE B 273 -22.65 -13.87 0.27
C ILE B 273 -21.18 -13.79 -0.14
N PRO B 274 -20.51 -12.65 0.09
CA PRO B 274 -19.16 -12.50 -0.46
C PRO B 274 -18.05 -13.36 0.17
N GLN B 275 -18.40 -14.18 1.15
CA GLN B 275 -17.48 -15.21 1.67
C GLN B 275 -16.97 -16.14 0.56
N MET B 276 -17.89 -16.55 -0.29
CA MET B 276 -17.60 -17.47 -1.37
C MET B 276 -16.52 -16.94 -2.35
N TYR B 277 -16.45 -15.64 -2.54
CA TYR B 277 -15.49 -15.07 -3.46
C TYR B 277 -14.07 -15.29 -2.95
N GLN B 278 -13.93 -15.70 -1.70
CA GLN B 278 -12.60 -16.00 -1.14
C GLN B 278 -12.05 -17.37 -1.59
N LEU B 279 -12.92 -18.21 -2.16
CA LEU B 279 -12.55 -19.59 -2.49
C LEU B 279 -11.53 -19.72 -3.63
N ASP B 280 -11.50 -18.75 -4.52
CA ASP B 280 -10.52 -18.76 -5.58
C ASP B 280 -10.26 -17.37 -6.09
N THR B 281 -9.16 -17.23 -6.82
CA THR B 281 -8.79 -15.99 -7.42
C THR B 281 -8.08 -16.27 -8.74
N PRO B 282 -8.79 -15.95 -9.86
CA PRO B 282 -10.11 -15.31 -9.98
C PRO B 282 -11.33 -16.13 -9.51
N PHE B 283 -12.33 -15.46 -8.96
CA PHE B 283 -13.54 -16.17 -8.46
C PHE B 283 -14.67 -16.27 -9.50
N VAL B 284 -14.29 -16.02 -10.75
CA VAL B 284 -15.19 -16.19 -11.89
C VAL B 284 -15.73 -17.62 -11.98
N ASN B 285 -14.90 -18.58 -11.60
CA ASN B 285 -15.32 -19.98 -11.53
C ASN B 285 -16.38 -20.18 -10.42
N VAL B 286 -16.14 -19.56 -9.27
CA VAL B 286 -17.02 -19.69 -8.13
C VAL B 286 -18.41 -19.26 -8.54
N ILE B 287 -18.51 -18.17 -9.28
CA ILE B 287 -19.82 -17.62 -9.65
C ILE B 287 -20.60 -18.60 -10.53
N LYS B 288 -19.93 -19.13 -11.53
CA LYS B 288 -20.52 -20.12 -12.44
C LYS B 288 -21.00 -21.37 -11.71
N GLU B 289 -20.19 -21.85 -10.78
CA GLU B 289 -20.53 -23.05 -9.99
C GLU B 289 -21.77 -22.77 -9.15
N ALA B 290 -21.90 -21.53 -8.70
CA ALA B 290 -23.04 -21.13 -7.91
C ALA B 290 -24.29 -21.06 -8.79
N ILE B 291 -24.13 -20.73 -10.05
CA ILE B 291 -25.27 -20.67 -10.98
C ILE B 291 -25.86 -22.07 -11.07
N VAL B 292 -24.98 -23.06 -11.23
CA VAL B 292 -25.38 -24.46 -11.36
C VAL B 292 -26.09 -24.96 -10.11
N LEU B 293 -25.41 -24.82 -8.98
CA LEU B 293 -25.96 -25.20 -7.70
C LEU B 293 -27.26 -24.53 -7.39
N CYS B 294 -27.52 -23.37 -7.95
CA CYS B 294 -28.81 -22.67 -7.71
C CYS B 294 -29.88 -22.99 -8.78
N GLY B 295 -29.60 -23.97 -9.64
CA GLY B 295 -30.63 -24.59 -10.48
C GLY B 295 -30.50 -24.40 -11.97
N ARG B 296 -29.47 -23.70 -12.43
CA ARG B 296 -29.26 -23.49 -13.87
C ARG B 296 -28.01 -24.24 -14.37
N PRO B 297 -28.21 -25.40 -15.02
CA PRO B 297 -27.07 -26.27 -15.39
C PRO B 297 -26.32 -25.77 -16.59
N VAL B 298 -25.28 -25.00 -16.35
CA VAL B 298 -24.44 -24.50 -17.41
C VAL B 298 -23.03 -25.04 -17.26
N SER B 299 -22.30 -25.10 -18.37
CA SER B 299 -20.87 -25.35 -18.33
C SER B 299 -20.19 -24.28 -17.49
N THR B 300 -19.33 -24.72 -16.57
CA THR B 300 -18.63 -23.83 -15.65
C THR B 300 -17.20 -23.59 -16.11
N HIS B 301 -16.87 -24.02 -17.32
CA HIS B 301 -15.56 -23.73 -17.87
C HIS B 301 -15.26 -22.24 -17.73
N VAL B 302 -13.98 -21.97 -17.46
CA VAL B 302 -13.45 -20.63 -17.34
C VAL B 302 -12.13 -20.49 -18.11
N LEU B 303 -11.85 -19.28 -18.59
CA LEU B 303 -10.65 -19.04 -19.40
C LEU B 303 -9.40 -18.86 -18.54
N PRO B 304 -8.29 -19.49 -18.92
CA PRO B 304 -7.12 -19.26 -18.10
C PRO B 304 -6.76 -17.75 -18.04
N PRO B 305 -6.01 -17.32 -16.99
CA PRO B 305 -5.46 -18.15 -15.91
C PRO B 305 -6.41 -18.50 -14.76
N ALA B 306 -7.70 -18.26 -14.92
CA ALA B 306 -8.65 -18.88 -13.99
C ALA B 306 -8.57 -20.39 -14.23
N SER B 307 -9.08 -21.18 -13.30
CA SER B 307 -9.05 -22.62 -13.42
C SER B 307 -10.29 -23.21 -12.79
N PRO B 308 -10.58 -24.50 -13.11
CA PRO B 308 -11.68 -25.18 -12.46
C PRO B 308 -11.57 -25.21 -10.95
N LEU B 309 -12.65 -24.82 -10.27
CA LEU B 309 -12.74 -24.96 -8.82
C LEU B 309 -12.69 -26.45 -8.47
N ASP B 310 -11.93 -26.80 -7.43
CA ASP B 310 -11.83 -28.19 -6.95
C ASP B 310 -13.08 -28.64 -6.20
N GLU B 311 -13.29 -29.95 -6.11
CA GLU B 311 -14.53 -30.50 -5.53
C GLU B 311 -14.74 -30.11 -4.05
N PRO B 312 -13.64 -30.12 -3.27
CA PRO B 312 -13.76 -29.68 -1.88
C PRO B 312 -14.41 -28.28 -1.80
N ARG B 313 -13.84 -27.33 -2.51
CA ARG B 313 -14.33 -25.96 -2.49
C ARG B 313 -15.71 -25.81 -3.15
N LYS B 314 -15.98 -26.60 -4.17
CA LYS B 314 -17.32 -26.68 -4.75
C LYS B 314 -18.30 -27.05 -3.66
N ALA B 315 -17.89 -28.01 -2.83
CA ALA B 315 -18.75 -28.51 -1.77
C ALA B 315 -18.94 -27.45 -0.69
N GLN B 316 -17.87 -26.69 -0.45
CA GLN B 316 -17.91 -25.63 0.56
C GLN B 316 -18.82 -24.50 0.10
N LEU B 317 -18.77 -24.25 -1.20
CA LEU B 317 -19.67 -23.31 -1.83
C LEU B 317 -21.12 -23.76 -1.63
N LYS B 318 -21.37 -25.05 -1.80
CA LYS B 318 -22.71 -25.63 -1.62
C LYS B 318 -23.31 -25.37 -0.22
N THR B 319 -22.56 -25.74 0.81
CA THR B 319 -23.00 -25.60 2.20
C THR B 319 -23.32 -24.14 2.52
N LEU B 320 -22.52 -23.26 1.94
CA LEU B 320 -22.71 -21.83 2.07
C LEU B 320 -24.03 -21.34 1.45
N LEU B 321 -24.27 -21.74 0.21
CA LEU B 321 -25.51 -21.38 -0.46
C LEU B 321 -26.69 -21.96 0.30
N GLN B 322 -26.55 -23.21 0.78
CA GLN B 322 -27.59 -23.88 1.57
C GLN B 322 -27.86 -23.15 2.88
N GLN B 323 -26.81 -22.90 3.63
CA GLN B 323 -26.97 -22.23 4.92
C GLN B 323 -27.73 -20.89 4.75
N LEU B 324 -27.58 -20.21 3.61
CA LEU B 324 -28.30 -18.96 3.31
C LEU B 324 -29.67 -19.13 2.61
N LYS B 325 -30.15 -20.35 2.46
CA LYS B 325 -31.48 -20.62 1.88
C LYS B 325 -31.57 -20.26 0.39
N LEU B 326 -30.47 -20.39 -0.35
CA LEU B 326 -30.42 -20.04 -1.81
C LEU B 326 -30.30 -21.27 -2.73
N CYS B 327 -30.38 -22.48 -2.17
CA CYS B 327 -30.49 -23.72 -2.96
C CYS B 327 -30.87 -24.93 -2.11
N ALA C 30 27.92 22.64 6.03
CA ALA C 30 27.13 21.37 6.08
C ALA C 30 27.42 20.60 7.35
N LEU C 31 26.38 20.43 8.16
CA LEU C 31 26.49 19.83 9.48
C LEU C 31 26.17 18.33 9.46
N PHE C 32 26.84 17.59 10.33
CA PHE C 32 26.60 16.18 10.50
C PHE C 32 26.75 15.35 9.21
N THR C 33 27.85 15.57 8.49
CA THR C 33 28.16 14.77 7.27
C THR C 33 28.94 13.52 7.69
N GLY C 34 29.27 12.65 6.75
CA GLY C 34 30.15 11.51 6.99
C GLY C 34 29.43 10.30 7.58
N ILE C 35 30.17 9.48 8.33
CA ILE C 35 29.62 8.26 8.93
C ILE C 35 29.15 8.52 10.37
N ILE C 36 27.83 8.52 10.60
CA ILE C 36 27.30 8.79 11.95
C ILE C 36 26.39 7.65 12.41
N PRO C 37 26.91 6.71 13.21
CA PRO C 37 26.12 5.52 13.54
C PRO C 37 24.94 5.79 14.49
N PRO C 38 23.81 5.11 14.26
CA PRO C 38 22.73 5.11 15.21
C PRO C 38 23.09 4.08 16.23
N VAL C 39 23.62 4.57 17.35
CA VAL C 39 24.32 3.70 18.28
C VAL C 39 23.26 2.88 19.03
N SER C 40 23.61 1.63 19.30
CA SER C 40 22.76 0.76 20.12
C SER C 40 22.86 1.15 21.60
N THR C 41 21.72 1.11 22.28
CA THR C 41 21.66 1.33 23.71
C THR C 41 21.83 -0.03 24.40
N ILE C 42 22.95 -0.21 25.08
CA ILE C 42 23.21 -1.48 25.77
C ILE C 42 22.40 -1.52 27.09
N PHE C 43 21.67 -2.58 27.31
CA PHE C 43 20.87 -2.72 28.52
C PHE C 43 21.36 -3.89 29.35
N THR C 44 21.12 -3.80 30.67
CA THR C 44 21.31 -4.93 31.58
C THR C 44 20.13 -5.88 31.45
N ALA C 45 20.21 -7.03 32.11
CA ALA C 45 19.16 -8.03 32.01
C ALA C 45 17.80 -7.56 32.56
N ASP C 46 17.81 -6.62 33.51
CA ASP C 46 16.58 -6.05 34.08
C ASP C 46 16.13 -4.81 33.33
N GLY C 47 16.84 -4.49 32.25
CA GLY C 47 16.41 -3.42 31.35
C GLY C 47 16.89 -2.02 31.67
N GLN C 48 17.92 -1.88 32.50
CA GLN C 48 18.51 -0.59 32.80
C GLN C 48 19.70 -0.35 31.87
N LEU C 49 20.01 0.91 31.67
CA LEU C 49 21.15 1.30 30.92
C LEU C 49 22.44 0.64 31.45
N ASP C 50 23.20 0.05 30.53
CA ASP C 50 24.48 -0.59 30.84
C ASP C 50 25.60 0.39 30.54
N LYS C 51 26.05 1.07 31.57
CA LYS C 51 26.95 2.17 31.39
C LYS C 51 28.31 1.72 30.88
N PRO C 52 28.92 0.70 31.51
CA PRO C 52 30.20 0.18 30.98
C PRO C 52 30.15 -0.28 29.52
N GLY C 53 29.10 -1.03 29.16
CA GLY C 53 28.95 -1.57 27.81
C GLY C 53 28.73 -0.51 26.72
N THR C 54 27.73 0.33 26.95
CA THR C 54 27.43 1.48 26.10
C THR C 54 28.61 2.42 25.93
N ALA C 55 29.39 2.57 26.98
CA ALA C 55 30.60 3.38 26.96
C ALA C 55 31.68 2.74 26.06
N ALA C 56 31.82 1.42 26.15
CA ALA C 56 32.86 0.72 25.38
C ALA C 56 32.50 0.79 23.93
N LEU C 57 31.21 0.59 23.65
CA LEU C 57 30.69 0.70 22.29
C LEU C 57 31.05 2.08 21.70
N ILE C 58 30.60 3.13 22.38
CA ILE C 58 30.94 4.51 22.00
C ILE C 58 32.45 4.69 21.70
N ASP C 59 33.31 4.14 22.55
CA ASP C 59 34.77 4.32 22.43
C ASP C 59 35.37 3.58 21.21
N ASP C 60 34.81 2.40 20.91
CA ASP C 60 35.18 1.66 19.72
C ASP C 60 34.88 2.49 18.49
N LEU C 61 33.67 3.06 18.45
CA LEU C 61 33.21 3.78 17.27
C LEU C 61 33.99 5.07 17.06
N ILE C 62 34.24 5.82 18.14
CA ILE C 62 35.08 7.00 18.06
C ILE C 62 36.45 6.57 17.56
N LYS C 63 36.99 5.49 18.12
CA LYS C 63 38.31 4.97 17.70
C LYS C 63 38.32 4.55 16.24
N ALA C 64 37.18 4.03 15.76
CA ALA C 64 37.05 3.59 14.36
C ALA C 64 37.10 4.75 13.35
N GLY C 65 36.95 5.97 13.83
CA GLY C 65 37.03 7.18 12.99
C GLY C 65 35.70 7.72 12.48
N VAL C 66 34.58 7.40 13.15
CA VAL C 66 33.25 7.87 12.72
C VAL C 66 33.16 9.38 12.87
N ASP C 67 32.21 9.99 12.19
CA ASP C 67 32.12 11.45 12.14
C ASP C 67 31.13 12.07 13.09
N GLY C 68 30.40 11.22 13.81
CA GLY C 68 29.50 11.68 14.83
C GLY C 68 28.85 10.48 15.45
N LEU C 69 27.98 10.68 16.43
CA LEU C 69 27.19 9.60 17.04
C LEU C 69 25.71 10.00 17.26
N PHE C 70 24.82 9.05 16.93
CA PHE C 70 23.39 9.26 17.02
C PHE C 70 22.73 8.30 18.03
N PHE C 71 22.38 8.85 19.19
CA PHE C 71 21.74 8.06 20.26
C PHE C 71 20.24 8.19 20.20
N LEU C 72 19.58 7.14 20.63
CA LEU C 72 18.10 7.06 20.68
C LEU C 72 17.46 7.18 19.29
N GLY C 73 18.11 6.52 18.32
CA GLY C 73 17.52 6.28 17.01
C GLY C 73 16.61 5.08 17.10
N SER C 74 16.18 4.58 15.95
CA SER C 74 15.30 3.41 15.91
C SER C 74 16.03 2.23 16.51
N GLY C 75 17.27 2.04 16.04
CA GLY C 75 18.15 0.97 16.54
C GLY C 75 18.50 1.16 18.00
N GLY C 76 18.54 2.42 18.44
CA GLY C 76 18.74 2.77 19.86
C GLY C 76 17.55 2.43 20.76
N GLU C 77 16.47 1.90 20.16
CA GLU C 77 15.25 1.52 20.86
C GLU C 77 14.52 2.70 21.51
N PHE C 78 14.61 3.87 20.87
CA PHE C 78 13.96 5.06 21.43
C PHE C 78 12.43 4.83 21.76
N SER C 79 11.73 4.08 20.91
CA SER C 79 10.28 3.89 21.00
C SER C 79 9.77 2.81 22.01
N GLN C 80 10.69 2.04 22.56
CA GLN C 80 10.35 1.11 23.66
C GLN C 80 10.66 1.72 25.04
N LEU C 81 11.16 2.95 25.05
CA LEU C 81 11.62 3.65 26.27
C LEU C 81 10.72 4.79 26.69
N GLY C 82 10.54 4.94 28.00
CA GLY C 82 9.86 6.09 28.55
C GLY C 82 10.75 7.32 28.50
N ALA C 83 10.10 8.47 28.70
CA ALA C 83 10.73 9.77 28.59
C ALA C 83 11.93 9.90 29.49
N GLU C 84 11.76 9.56 30.76
CA GLU C 84 12.81 9.80 31.77
C GLU C 84 14.04 8.97 31.49
N GLU C 85 13.82 7.78 30.95
CA GLU C 85 14.91 6.87 30.60
C GLU C 85 15.76 7.40 29.44
N ARG C 86 15.07 7.98 28.45
CA ARG C 86 15.72 8.57 27.28
C ARG C 86 16.57 9.74 27.72
N LYS C 87 16.09 10.48 28.71
CA LYS C 87 16.84 11.62 29.24
C LYS C 87 18.14 11.15 29.86
N ALA C 88 17.99 10.15 30.71
CA ALA C 88 19.10 9.53 31.39
C ALA C 88 20.16 9.02 30.38
N ILE C 89 19.69 8.38 29.33
CA ILE C 89 20.58 7.78 28.33
C ILE C 89 21.29 8.83 27.49
N ALA C 90 20.55 9.84 27.06
CA ALA C 90 21.13 10.97 26.35
C ALA C 90 22.23 11.65 27.19
N ARG C 91 21.90 11.97 28.44
N ARG C 91 21.90 11.97 28.44
CA ARG C 91 22.82 12.68 29.33
CA ARG C 91 22.82 12.68 29.33
C ARG C 91 24.11 11.91 29.50
C ARG C 91 24.11 11.91 29.49
N PHE C 92 23.96 10.62 29.80
CA PHE C 92 25.11 9.73 29.93
C PHE C 92 25.94 9.69 28.66
N ALA C 93 25.24 9.52 27.54
CA ALA C 93 25.89 9.36 26.23
C ALA C 93 26.69 10.60 25.86
N ILE C 94 26.09 11.76 26.11
CA ILE C 94 26.73 13.03 25.80
C ILE C 94 28.00 13.21 26.66
N ASP C 95 27.84 12.96 27.96
CA ASP C 95 28.95 12.98 28.90
C ASP C 95 30.10 12.11 28.46
N HIS C 96 29.80 10.85 28.10
CA HIS C 96 30.89 9.95 27.81
C HIS C 96 31.62 10.34 26.54
N VAL C 97 30.89 10.89 25.59
CA VAL C 97 31.49 11.35 24.34
C VAL C 97 32.42 12.54 24.59
N ASP C 98 32.01 13.42 25.49
CA ASP C 98 32.88 14.50 25.95
C ASP C 98 33.39 15.33 24.76
N ARG C 99 32.46 15.63 23.84
CA ARG C 99 32.73 16.45 22.64
C ARG C 99 33.82 15.94 21.68
N ARG C 100 34.26 14.68 21.83
CA ARG C 100 35.29 14.13 20.94
C ARG C 100 34.75 14.02 19.50
N VAL C 101 33.45 13.75 19.38
CA VAL C 101 32.72 13.86 18.10
C VAL C 101 31.35 14.48 18.34
N PRO C 102 30.74 15.05 17.29
CA PRO C 102 29.40 15.60 17.45
C PRO C 102 28.36 14.51 17.82
N VAL C 103 27.45 14.86 18.71
CA VAL C 103 26.44 13.96 19.19
C VAL C 103 25.08 14.41 18.71
N LEU C 104 24.27 13.48 18.24
CA LEU C 104 22.86 13.72 17.88
C LEU C 104 21.96 12.93 18.81
N ILE C 105 20.96 13.59 19.36
CA ILE C 105 19.96 12.90 20.17
C ILE C 105 18.66 12.81 19.42
N GLY C 106 18.12 11.61 19.33
CA GLY C 106 16.80 11.41 18.73
C GLY C 106 15.71 11.64 19.74
N THR C 107 14.86 12.63 19.49
CA THR C 107 13.94 13.14 20.51
C THR C 107 12.49 13.03 20.12
N GLY C 108 12.22 12.32 19.04
CA GLY C 108 10.88 12.29 18.49
C GLY C 108 10.00 11.22 19.09
N GLY C 109 8.83 11.08 18.50
CA GLY C 109 7.81 10.23 19.03
C GLY C 109 6.46 10.75 18.61
N THR C 110 5.43 10.36 19.35
CA THR C 110 4.07 10.73 19.01
C THR C 110 3.58 11.94 19.86
N ASN C 111 4.14 12.05 21.08
CA ASN C 111 3.77 13.11 22.00
C ASN C 111 4.59 14.38 21.74
N ALA C 112 3.96 15.35 21.09
CA ALA C 112 4.61 16.57 20.68
C ALA C 112 5.23 17.33 21.84
N ARG C 113 4.47 17.52 22.92
CA ARG C 113 5.03 18.16 24.13
C ARG C 113 6.27 17.41 24.63
N GLU C 114 6.22 16.09 24.54
CA GLU C 114 7.34 15.26 24.99
C GLU C 114 8.54 15.48 24.07
N THR C 115 8.27 15.71 22.80
CA THR C 115 9.33 15.97 21.85
C THR C 115 10.08 17.26 22.18
N ILE C 116 9.32 18.29 22.55
CA ILE C 116 9.87 19.59 22.94
C ILE C 116 10.72 19.44 24.21
N GLU C 117 10.08 18.87 25.23
CA GLU C 117 10.74 18.57 26.53
C GLU C 117 12.09 17.86 26.30
N LEU C 118 12.04 16.71 25.63
CA LEU C 118 13.23 15.95 25.30
C LEU C 118 14.22 16.73 24.47
N SER C 119 13.72 17.54 23.52
CA SER C 119 14.60 18.33 22.62
C SER C 119 15.38 19.43 23.38
N GLN C 120 14.69 20.13 24.28
CA GLN C 120 15.30 21.16 25.14
C GLN C 120 16.31 20.53 26.12
N HIS C 121 15.91 19.40 26.68
CA HIS C 121 16.78 18.64 27.56
C HIS C 121 18.04 18.24 26.79
N ALA C 122 17.86 17.76 25.58
CA ALA C 122 19.01 17.41 24.76
C ALA C 122 19.98 18.61 24.72
N GLN C 123 19.39 19.79 24.54
CA GLN C 123 20.16 21.02 24.44
C GLN C 123 20.88 21.31 25.75
N GLN C 124 20.14 21.29 26.86
CA GLN C 124 20.72 21.56 28.18
C GLN C 124 21.84 20.57 28.53
N ALA C 125 21.61 19.33 28.18
CA ALA C 125 22.55 18.26 28.43
C ALA C 125 23.80 18.32 27.53
N GLY C 126 23.81 19.24 26.56
CA GLY C 126 25.04 19.48 25.77
C GLY C 126 25.13 18.77 24.43
N ALA C 127 23.98 18.30 23.93
CA ALA C 127 23.92 17.71 22.59
C ALA C 127 24.27 18.74 21.52
N ASP C 128 24.81 18.28 20.39
CA ASP C 128 25.12 19.17 19.25
C ASP C 128 23.95 19.32 18.27
N GLY C 129 22.96 18.43 18.39
CA GLY C 129 21.77 18.46 17.55
C GLY C 129 20.74 17.38 17.89
N ILE C 130 19.54 17.54 17.36
CA ILE C 130 18.49 16.57 17.59
C ILE C 130 18.06 15.97 16.27
N VAL C 131 17.49 14.78 16.35
CA VAL C 131 16.97 14.10 15.17
C VAL C 131 15.49 13.81 15.42
N VAL C 132 14.63 14.37 14.57
CA VAL C 132 13.21 14.33 14.84
C VAL C 132 12.45 13.63 13.73
N ILE C 133 11.73 12.59 14.10
CA ILE C 133 10.93 11.82 13.14
C ILE C 133 9.53 12.41 13.16
N ASN C 134 8.79 12.20 12.07
CA ASN C 134 7.38 12.62 12.03
C ASN C 134 6.52 11.69 12.93
N PRO C 135 5.45 12.25 13.51
CA PRO C 135 4.62 11.49 14.44
C PRO C 135 4.01 10.33 13.71
N TYR C 136 4.02 9.18 14.35
CA TYR C 136 3.84 7.94 13.60
C TYR C 136 2.62 7.11 13.95
N TYR C 137 1.78 7.59 14.85
CA TYR C 137 0.46 6.95 15.09
C TYR C 137 -0.60 7.60 14.18
N TRP C 138 -1.15 8.74 14.58
CA TRP C 138 -1.85 9.61 13.64
C TRP C 138 -0.89 9.99 12.51
N LYS C 139 -1.34 9.84 11.27
CA LYS C 139 -0.59 10.37 10.12
C LYS C 139 -1.20 11.75 9.89
N VAL C 140 -0.39 12.73 10.25
CA VAL C 140 -0.85 14.08 10.53
C VAL C 140 -1.05 14.85 9.24
N SER C 141 -2.12 15.63 9.18
CA SER C 141 -2.30 16.55 8.05
C SER C 141 -0.98 17.27 7.77
N GLU C 142 -0.76 17.62 6.51
CA GLU C 142 0.39 18.43 6.12
C GLU C 142 0.54 19.74 6.91
N ALA C 143 -0.56 20.44 7.10
CA ALA C 143 -0.56 21.71 7.86
C ALA C 143 -0.05 21.46 9.25
N ASN C 144 -0.57 20.42 9.88
CA ASN C 144 -0.14 20.03 11.22
C ASN C 144 1.30 19.47 11.29
N LEU C 145 1.78 18.90 10.21
CA LEU C 145 3.10 18.31 10.18
C LEU C 145 4.14 19.40 10.07
N ILE C 146 3.83 20.37 9.23
CA ILE C 146 4.69 21.54 9.07
C ILE C 146 4.69 22.33 10.38
N ARG C 147 3.49 22.50 10.95
CA ARG C 147 3.34 23.17 12.24
C ARG C 147 4.17 22.45 13.31
N TYR C 148 4.08 21.13 13.35
CA TYR C 148 4.80 20.35 14.40
C TYR C 148 6.35 20.53 14.31
N PHE C 149 6.90 20.31 13.13
CA PHE C 149 8.32 20.48 12.89
C PHE C 149 8.84 21.93 13.10
N GLU C 150 7.99 22.90 12.82
CA GLU C 150 8.34 24.29 13.09
C GLU C 150 8.38 24.52 14.60
N GLN C 151 7.39 24.00 15.33
CA GLN C 151 7.33 24.18 16.77
C GLN C 151 8.51 23.55 17.49
N VAL C 152 8.83 22.30 17.13
CA VAL C 152 10.02 21.66 17.75
C VAL C 152 11.31 22.39 17.31
N ALA C 153 11.40 22.83 16.06
CA ALA C 153 12.60 23.58 15.64
C ALA C 153 12.72 24.89 16.41
N ASP C 154 11.58 25.54 16.69
CA ASP C 154 11.56 26.80 17.47
C ASP C 154 11.79 26.63 18.97
N SER C 155 11.79 25.39 19.44
CA SER C 155 11.98 25.12 20.86
C SER C 155 13.46 25.01 21.24
N VAL C 156 14.32 24.94 20.24
CA VAL C 156 15.76 24.85 20.47
C VAL C 156 16.52 25.78 19.55
N THR C 157 17.79 26.00 19.88
CA THR C 157 18.72 26.72 18.99
C THR C 157 19.73 25.75 18.39
N LEU C 158 19.54 24.47 18.68
CA LEU C 158 20.38 23.42 18.07
C LEU C 158 19.98 23.20 16.61
N PRO C 159 20.92 22.74 15.78
CA PRO C 159 20.55 22.18 14.50
C PRO C 159 19.68 20.96 14.64
N VAL C 160 18.76 20.81 13.69
CA VAL C 160 17.68 19.82 13.73
C VAL C 160 17.71 18.96 12.48
N MET C 161 17.74 17.66 12.68
CA MET C 161 17.78 16.69 11.60
C MET C 161 16.40 16.01 11.53
N LEU C 162 15.78 16.05 10.36
CA LEU C 162 14.54 15.30 10.14
C LEU C 162 14.87 13.84 9.99
N TYR C 163 13.87 13.02 10.25
CA TYR C 163 14.03 11.59 10.16
C TYR C 163 12.82 11.01 9.41
N ASN C 164 13.08 10.54 8.20
CA ASN C 164 12.11 9.86 7.41
C ASN C 164 12.29 8.38 7.51
N PHE C 165 11.21 7.64 7.75
CA PHE C 165 11.25 6.17 7.81
C PHE C 165 9.80 5.65 7.53
N PRO C 166 9.34 5.79 6.28
CA PRO C 166 7.94 5.59 5.91
C PRO C 166 7.41 4.17 6.15
N ALA C 167 8.27 3.18 5.89
CA ALA C 167 7.98 1.79 6.21
C ALA C 167 7.40 1.62 7.62
N LEU C 168 7.94 2.36 8.58
CA LEU C 168 7.43 2.36 9.95
C LEU C 168 6.44 3.49 10.27
N THR C 169 6.61 4.67 9.69
CA THR C 169 5.72 5.80 10.02
C THR C 169 4.35 5.79 9.30
N GLY C 170 4.26 5.14 8.15
CA GLY C 170 3.04 5.18 7.31
C GLY C 170 2.81 6.54 6.64
N GLN C 171 3.77 7.45 6.80
CA GLN C 171 3.74 8.80 6.21
C GLN C 171 5.12 9.26 5.77
N ASP C 172 5.27 9.44 4.47
CA ASP C 172 6.54 9.83 3.87
C ASP C 172 6.84 11.33 3.96
N LEU C 173 8.04 11.65 4.39
CA LEU C 173 8.54 13.01 4.25
C LEU C 173 9.05 13.19 2.82
N THR C 174 8.20 13.79 1.98
CA THR C 174 8.48 13.92 0.56
C THR C 174 9.55 14.98 0.37
N PRO C 175 10.37 14.89 -0.68
CA PRO C 175 11.36 15.91 -0.97
C PRO C 175 10.77 17.31 -0.98
N ALA C 176 9.65 17.49 -1.66
CA ALA C 176 8.95 18.76 -1.70
C ALA C 176 8.69 19.28 -0.29
N LEU C 177 8.10 18.44 0.55
CA LEU C 177 7.79 18.85 1.93
C LEU C 177 9.04 19.12 2.79
N VAL C 178 10.07 18.31 2.64
CA VAL C 178 11.35 18.61 3.29
C VAL C 178 11.88 19.97 2.84
N LYS C 179 11.62 20.32 1.59
CA LYS C 179 12.10 21.58 1.04
C LYS C 179 11.28 22.71 1.67
N THR C 180 9.97 22.53 1.76
CA THR C 180 9.12 23.47 2.54
C THR C 180 9.60 23.72 3.99
N LEU C 181 10.07 22.66 4.65
CA LEU C 181 10.56 22.78 6.06
C LEU C 181 11.90 23.50 6.15
N ALA C 182 12.83 23.18 5.25
CA ALA C 182 14.14 23.85 5.18
C ALA C 182 13.98 25.32 4.78
N ASP C 183 12.94 25.60 3.99
CA ASP C 183 12.62 26.96 3.55
C ASP C 183 12.06 27.79 4.68
N SER C 184 11.44 27.13 5.65
CA SER C 184 10.73 27.80 6.72
C SER C 184 11.67 28.10 7.91
N ARG C 185 12.62 27.19 8.20
CA ARG C 185 13.42 27.26 9.43
C ARG C 185 14.92 27.00 9.14
N SER C 186 15.77 27.96 9.50
CA SER C 186 17.21 27.88 9.17
C SER C 186 17.94 26.81 9.94
N ASN C 187 17.35 26.37 11.05
CA ASN C 187 17.90 25.31 11.86
C ASN C 187 17.49 23.91 11.43
N ILE C 188 16.61 23.80 10.45
CA ILE C 188 16.33 22.49 9.85
C ILE C 188 17.35 22.32 8.74
N ILE C 189 18.40 21.54 9.01
CA ILE C 189 19.62 21.55 8.18
C ILE C 189 20.00 20.19 7.64
N GLY C 190 19.12 19.20 7.81
CA GLY C 190 19.39 17.89 7.27
C GLY C 190 18.31 16.82 7.41
N ILE C 191 18.66 15.64 6.90
CA ILE C 191 17.77 14.47 6.95
C ILE C 191 18.50 13.13 6.87
N LYS C 192 18.08 12.22 7.73
CA LYS C 192 18.36 10.81 7.60
C LYS C 192 17.17 10.19 6.82
N ASP C 193 17.42 9.76 5.59
CA ASP C 193 16.35 9.18 4.74
C ASP C 193 16.41 7.66 4.74
N THR C 194 15.46 7.06 5.44
CA THR C 194 15.47 5.62 5.69
C THR C 194 14.46 4.93 4.80
N ILE C 195 14.95 4.54 3.63
CA ILE C 195 14.11 3.92 2.61
C ILE C 195 15.01 3.19 1.60
N ASP C 196 14.57 2.00 1.20
CA ASP C 196 15.25 1.28 0.10
C ASP C 196 14.72 1.83 -1.23
N SER C 197 15.29 2.95 -1.65
CA SER C 197 14.87 3.64 -2.89
C SER C 197 15.92 4.63 -3.39
N VAL C 198 16.49 4.39 -4.56
CA VAL C 198 17.43 5.33 -5.15
C VAL C 198 16.67 6.60 -5.53
N ALA C 199 15.47 6.45 -6.09
CA ALA C 199 14.65 7.63 -6.51
C ALA C 199 14.36 8.64 -5.38
N HIS C 200 14.09 8.14 -4.18
CA HIS C 200 13.76 9.05 -3.09
C HIS C 200 15.03 9.78 -2.65
N LEU C 201 16.12 9.04 -2.53
CA LEU C 201 17.42 9.66 -2.22
C LEU C 201 17.80 10.75 -3.26
N ARG C 202 17.70 10.40 -4.54
CA ARG C 202 18.11 11.29 -5.63
C ARG C 202 17.22 12.54 -5.67
N SER C 203 15.92 12.31 -5.55
CA SER C 203 14.94 13.38 -5.57
C SER C 203 15.12 14.28 -4.36
N MET C 204 15.49 13.67 -3.22
CA MET C 204 15.76 14.42 -1.99
C MET C 204 16.94 15.32 -2.20
N ILE C 205 17.98 14.78 -2.82
CA ILE C 205 19.17 15.57 -3.08
C ILE C 205 18.87 16.70 -4.04
N HIS C 206 18.20 16.43 -5.15
CA HIS C 206 17.98 17.47 -6.17
C HIS C 206 17.06 18.57 -5.67
N THR C 207 15.92 18.18 -5.09
CA THR C 207 14.93 19.16 -4.61
C THR C 207 15.46 19.98 -3.44
N VAL C 208 16.03 19.31 -2.45
CA VAL C 208 16.41 20.01 -1.22
C VAL C 208 17.81 20.65 -1.31
N LYS C 209 18.83 19.88 -1.68
CA LYS C 209 20.20 20.45 -1.81
C LYS C 209 20.38 21.46 -2.97
N GLY C 210 19.57 21.32 -4.03
CA GLY C 210 19.54 22.32 -5.10
C GLY C 210 19.06 23.68 -4.59
N ALA C 211 18.05 23.65 -3.71
CA ALA C 211 17.56 24.86 -3.03
C ALA C 211 18.42 25.27 -1.83
N HIS C 212 18.98 24.29 -1.13
CA HIS C 212 19.80 24.52 0.09
C HIS C 212 21.10 23.68 0.06
N PRO C 213 22.16 24.21 -0.57
CA PRO C 213 23.34 23.38 -0.85
C PRO C 213 24.04 22.74 0.34
N HIS C 214 23.95 23.33 1.53
CA HIS C 214 24.62 22.78 2.74
C HIS C 214 23.67 22.02 3.66
N PHE C 215 22.46 21.78 3.18
CA PHE C 215 21.47 20.91 3.83
C PHE C 215 21.94 19.47 3.73
N THR C 216 21.94 18.75 4.83
CA THR C 216 22.59 17.45 4.81
C THR C 216 21.61 16.27 4.53
N VAL C 217 22.03 15.38 3.65
CA VAL C 217 21.26 14.20 3.27
C VAL C 217 22.10 12.94 3.56
N LEU C 218 21.63 12.18 4.54
CA LEU C 218 22.23 10.92 4.92
C LEU C 218 21.19 9.85 4.64
N CYS C 219 21.65 8.70 4.17
CA CYS C 219 20.77 7.56 3.98
C CYS C 219 20.75 6.72 5.25
N GLY C 220 19.65 6.03 5.45
CA GLY C 220 19.40 5.25 6.67
C GLY C 220 19.83 3.80 6.53
N TYR C 221 20.22 3.39 5.34
CA TYR C 221 20.54 1.99 5.07
C TYR C 221 21.92 1.81 4.50
N ASP C 222 22.56 0.70 4.86
CA ASP C 222 23.99 0.50 4.58
C ASP C 222 24.28 0.42 3.09
N ASP C 223 23.34 -0.19 2.36
CA ASP C 223 23.55 -0.55 0.96
C ASP C 223 23.34 0.66 0.04
N HIS C 224 22.99 1.80 0.62
CA HIS C 224 22.75 3.05 -0.12
C HIS C 224 23.78 4.15 0.10
N LEU C 225 24.76 3.90 0.96
CA LEU C 225 25.79 4.87 1.26
C LEU C 225 26.53 5.33 0.00
N PHE C 226 27.16 4.38 -0.70
CA PHE C 226 27.99 4.63 -1.89
C PHE C 226 27.21 5.43 -2.91
N ASN C 227 26.02 4.94 -3.25
CA ASN C 227 25.06 5.65 -4.09
C ASN C 227 24.74 7.05 -3.57
N THR C 228 24.49 7.17 -2.27
CA THR C 228 24.14 8.46 -1.72
C THR C 228 25.31 9.43 -1.99
N LEU C 229 26.54 8.96 -1.83
CA LEU C 229 27.70 9.80 -2.08
C LEU C 229 27.77 10.20 -3.53
N LEU C 230 27.65 9.22 -4.42
CA LEU C 230 27.73 9.47 -5.87
C LEU C 230 26.61 10.36 -6.42
N LEU C 231 25.50 10.46 -5.70
CA LEU C 231 24.36 11.30 -6.07
C LEU C 231 24.52 12.75 -5.59
N GLY C 232 25.59 13.04 -4.86
CA GLY C 232 25.83 14.37 -4.28
C GLY C 232 25.30 14.54 -2.85
N GLY C 233 24.99 13.40 -2.21
CA GLY C 233 24.60 13.36 -0.80
C GLY C 233 25.81 13.29 0.15
N ASP C 234 25.51 13.11 1.44
CA ASP C 234 26.42 13.51 2.52
C ASP C 234 26.94 12.40 3.42
N GLY C 235 26.31 11.22 3.35
CA GLY C 235 26.78 10.07 4.12
C GLY C 235 25.70 9.10 4.55
N ALA C 236 25.97 8.40 5.65
CA ALA C 236 25.04 7.41 6.17
C ALA C 236 24.96 7.40 7.70
N ILE C 237 23.73 7.30 8.19
CA ILE C 237 23.43 6.80 9.52
C ILE C 237 22.84 5.42 9.34
N SER C 238 23.61 4.38 9.60
CA SER C 238 23.12 3.01 9.38
C SER C 238 23.66 2.01 10.38
N ALA C 239 22.87 0.97 10.62
CA ALA C 239 23.17 -0.03 11.66
C ALA C 239 24.60 -0.66 11.62
N SER C 240 25.14 -0.94 10.44
CA SER C 240 26.46 -1.57 10.33
C SER C 240 27.59 -0.72 10.98
N GLY C 241 27.29 0.55 11.24
CA GLY C 241 28.19 1.39 12.00
C GLY C 241 28.47 0.91 13.41
N ASN C 242 27.55 0.13 13.98
CA ASN C 242 27.74 -0.43 15.34
C ASN C 242 28.79 -1.54 15.43
N PHE C 243 28.67 -2.52 14.55
CA PHE C 243 29.53 -3.70 14.59
C PHE C 243 30.57 -3.67 13.51
N ALA C 244 30.44 -2.79 12.52
CA ALA C 244 31.43 -2.78 11.44
C ALA C 244 31.71 -1.41 10.84
N PRO C 245 31.90 -0.40 11.68
CA PRO C 245 32.06 0.97 11.18
C PRO C 245 33.29 1.20 10.28
N GLN C 246 34.33 0.36 10.41
CA GLN C 246 35.52 0.48 9.54
C GLN C 246 35.12 0.47 8.06
N VAL C 247 34.15 -0.35 7.71
CA VAL C 247 33.71 -0.53 6.33
C VAL C 247 33.13 0.77 5.76
N SER C 248 32.17 1.38 6.47
CA SER C 248 31.60 2.67 6.05
C SER C 248 32.57 3.84 6.19
N VAL C 249 33.38 3.84 7.25
CA VAL C 249 34.40 4.86 7.46
C VAL C 249 35.49 4.87 6.35
N ASN C 250 35.94 3.67 5.98
CA ASN C 250 36.96 3.51 4.94
C ASN C 250 36.41 3.78 3.56
N LEU C 251 35.14 3.38 3.34
CA LEU C 251 34.47 3.76 2.09
C LEU C 251 34.51 5.29 1.95
N LEU C 252 34.00 5.98 2.96
CA LEU C 252 33.99 7.45 2.94
C LEU C 252 35.39 8.00 2.71
N LYS C 253 36.38 7.49 3.45
CA LYS C 253 37.75 7.99 3.33
C LYS C 253 38.27 7.78 1.91
N ALA C 254 38.06 6.58 1.40
CA ALA C 254 38.44 6.23 0.03
C ALA C 254 37.83 7.15 -1.03
N TRP C 255 36.52 7.39 -0.90
CA TRP C 255 35.78 8.27 -1.80
C TRP C 255 36.34 9.69 -1.70
N ARG C 256 36.55 10.16 -0.48
CA ARG C 256 37.11 11.50 -0.29
C ARG C 256 38.51 11.63 -0.90
N ASP C 257 39.34 10.58 -0.78
CA ASP C 257 40.68 10.58 -1.43
C ASP C 257 40.62 10.38 -2.95
N GLY C 258 39.42 10.23 -3.49
CA GLY C 258 39.24 10.04 -4.93
C GLY C 258 39.40 8.62 -5.42
N ASP C 259 39.78 7.70 -4.54
CA ASP C 259 39.96 6.30 -4.94
C ASP C 259 38.62 5.57 -4.95
N VAL C 260 37.89 5.73 -6.05
CA VAL C 260 36.55 5.15 -6.26
C VAL C 260 36.56 3.63 -6.26
N ALA C 261 37.62 3.02 -6.78
CA ALA C 261 37.72 1.53 -6.86
C ALA C 261 37.67 0.90 -5.47
N LYS C 262 38.60 1.33 -4.63
CA LYS C 262 38.63 0.94 -3.22
C LYS C 262 37.27 1.18 -2.55
N ALA C 263 36.63 2.30 -2.88
CA ALA C 263 35.37 2.68 -2.27
C ALA C 263 34.21 1.77 -2.66
N ALA C 264 34.23 1.33 -3.91
CA ALA C 264 33.24 0.41 -4.42
C ALA C 264 33.45 -1.00 -3.88
N GLY C 265 34.70 -1.31 -3.51
CA GLY C 265 35.05 -2.57 -2.88
C GLY C 265 34.40 -2.70 -1.52
N TYR C 266 34.56 -1.67 -0.70
CA TYR C 266 33.85 -1.59 0.59
C TYR C 266 32.36 -1.62 0.38
N HIS C 267 31.90 -0.92 -0.65
CA HIS C 267 30.47 -0.92 -0.99
C HIS C 267 29.93 -2.33 -1.19
N GLN C 268 30.78 -3.20 -1.74
CA GLN C 268 30.38 -4.59 -2.06
C GLN C 268 29.97 -5.34 -0.79
N THR C 269 30.65 -5.03 0.31
CA THR C 269 30.34 -5.63 1.61
C THR C 269 29.04 -5.05 2.17
N LEU C 270 28.89 -3.75 2.07
CA LEU C 270 27.70 -3.09 2.57
C LEU C 270 26.42 -3.51 1.83
N LEU C 271 26.57 -3.91 0.56
CA LEU C 271 25.46 -4.42 -0.24
C LEU C 271 24.90 -5.72 0.34
N GLN C 272 25.80 -6.52 0.91
CA GLN C 272 25.45 -7.82 1.51
C GLN C 272 24.96 -7.75 2.95
N ILE C 273 25.37 -6.72 3.68
CA ILE C 273 25.19 -6.73 5.12
C ILE C 273 23.73 -6.78 5.52
N PRO C 274 22.84 -6.08 4.81
CA PRO C 274 21.43 -6.02 5.27
C PRO C 274 20.60 -7.31 5.18
N GLN C 275 21.18 -8.41 4.67
CA GLN C 275 20.48 -9.73 4.73
C GLN C 275 20.19 -10.10 6.21
N MET C 276 21.12 -9.80 7.12
CA MET C 276 20.96 -10.11 8.55
C MET C 276 19.72 -9.46 9.19
N TYR C 277 19.35 -8.28 8.72
CA TYR C 277 18.23 -7.56 9.33
C TYR C 277 16.94 -8.32 9.07
N GLN C 278 16.98 -9.32 8.19
CA GLN C 278 15.81 -10.15 7.93
C GLN C 278 15.56 -11.20 9.01
N LEU C 279 16.57 -11.43 9.86
CA LEU C 279 16.50 -12.52 10.86
C LEU C 279 15.46 -12.31 11.96
N ASP C 280 15.14 -11.07 12.27
CA ASP C 280 14.11 -10.78 13.24
C ASP C 280 13.49 -9.42 12.98
N THR C 281 12.34 -9.20 13.60
CA THR C 281 11.66 -7.91 13.55
C THR C 281 10.97 -7.64 14.88
N PRO C 282 11.49 -6.66 15.63
CA PRO C 282 12.65 -5.77 15.34
C PRO C 282 14.01 -6.44 15.25
N PHE C 283 14.89 -5.92 14.40
CA PHE C 283 16.26 -6.45 14.25
C PHE C 283 17.30 -5.75 15.15
N VAL C 284 16.82 -5.01 16.13
CA VAL C 284 17.69 -4.37 17.13
C VAL C 284 18.53 -5.44 17.88
N ASN C 285 17.95 -6.62 18.07
CA ASN C 285 18.68 -7.72 18.71
C ASN C 285 19.80 -8.23 17.80
N VAL C 286 19.50 -8.33 16.51
CA VAL C 286 20.47 -8.79 15.51
C VAL C 286 21.72 -7.91 15.53
N ILE C 287 21.53 -6.61 15.62
CA ILE C 287 22.65 -5.66 15.63
C ILE C 287 23.57 -5.88 16.83
N LYS C 288 22.97 -5.98 18.02
CA LYS C 288 23.74 -6.17 19.26
C LYS C 288 24.54 -7.48 19.20
N GLU C 289 23.91 -8.54 18.70
CA GLU C 289 24.53 -9.85 18.60
C GLU C 289 25.71 -9.78 17.65
N ALA C 290 25.58 -8.92 16.64
CA ALA C 290 26.66 -8.69 15.68
C ALA C 290 27.82 -7.91 16.30
N ILE C 291 27.50 -7.04 17.28
CA ILE C 291 28.54 -6.28 17.98
C ILE C 291 29.42 -7.27 18.70
N VAL C 292 28.80 -8.20 19.38
CA VAL C 292 29.49 -9.24 20.17
C VAL C 292 30.37 -10.09 19.27
N LEU C 293 29.73 -10.70 18.29
CA LEU C 293 30.41 -11.57 17.34
C LEU C 293 31.55 -10.87 16.64
N CYS C 294 31.52 -9.55 16.54
CA CYS C 294 32.63 -8.80 15.92
C CYS C 294 33.71 -8.32 16.91
N GLY C 295 33.60 -8.77 18.17
CA GLY C 295 34.69 -8.61 19.15
C GLY C 295 34.43 -7.73 20.35
N ARG C 296 33.24 -7.13 20.45
CA ARG C 296 32.89 -6.29 21.59
C ARG C 296 31.83 -6.95 22.48
N PRO C 297 32.24 -7.56 23.61
CA PRO C 297 31.30 -8.35 24.43
C PRO C 297 30.37 -7.51 25.30
N VAL C 298 29.22 -7.20 24.75
CA VAL C 298 28.23 -6.44 25.48
C VAL C 298 27.00 -7.26 25.68
N SER C 299 26.25 -6.92 26.70
CA SER C 299 24.95 -7.51 26.87
C SER C 299 24.14 -7.22 25.65
N THR C 300 23.44 -8.24 25.15
CA THR C 300 22.57 -8.11 24.01
C THR C 300 21.07 -7.97 24.40
N HIS C 301 20.79 -7.81 25.69
CA HIS C 301 19.40 -7.59 26.12
C HIS C 301 18.75 -6.47 25.28
N VAL C 302 17.47 -6.68 24.97
CA VAL C 302 16.66 -5.75 24.18
C VAL C 302 15.32 -5.55 24.85
N LEU C 303 14.73 -4.38 24.66
CA LEU C 303 13.47 -4.06 25.33
C LEU C 303 12.28 -4.62 24.57
N PRO C 304 11.31 -5.19 25.29
CA PRO C 304 10.18 -5.68 24.54
C PRO C 304 9.50 -4.54 23.78
N PRO C 305 8.72 -4.86 22.73
CA PRO C 305 8.44 -6.20 22.23
C PRO C 305 9.49 -6.84 21.29
N ALA C 306 10.68 -6.28 21.22
CA ALA C 306 11.78 -7.06 20.71
C ALA C 306 12.02 -8.25 21.66
N SER C 307 12.75 -9.25 21.21
CA SER C 307 13.06 -10.42 22.04
C SER C 307 14.43 -10.95 21.72
N PRO C 308 14.98 -11.82 22.59
CA PRO C 308 16.29 -12.42 22.32
C PRO C 308 16.27 -13.23 21.02
N LEU C 309 17.26 -13.00 20.18
CA LEU C 309 17.47 -13.82 18.98
C LEU C 309 17.81 -15.26 19.39
N ASP C 310 17.21 -16.22 18.71
CA ASP C 310 17.44 -17.64 19.01
C ASP C 310 18.81 -18.12 18.55
N GLU C 311 19.30 -19.21 19.12
CA GLU C 311 20.65 -19.72 18.80
C GLU C 311 20.88 -20.11 17.33
N PRO C 312 19.87 -20.79 16.71
CA PRO C 312 19.95 -21.04 15.26
C PRO C 312 20.25 -19.77 14.45
N ARG C 313 19.41 -18.74 14.61
CA ARG C 313 19.63 -17.48 13.90
C ARG C 313 20.91 -16.71 14.32
N LYS C 314 21.28 -16.80 15.60
CA LYS C 314 22.57 -16.28 16.06
C LYS C 314 23.69 -16.92 15.26
N ALA C 315 23.55 -18.23 15.04
CA ALA C 315 24.56 -18.99 14.31
C ALA C 315 24.57 -18.60 12.85
N GLN C 316 23.39 -18.32 12.32
CA GLN C 316 23.26 -17.91 10.93
C GLN C 316 23.84 -16.51 10.72
N LEU C 317 23.68 -15.67 11.74
CA LEU C 317 24.30 -14.36 11.72
C LEU C 317 25.82 -14.50 11.69
N LYS C 318 26.34 -15.44 12.47
CA LYS C 318 27.78 -15.68 12.55
C LYS C 318 28.37 -16.01 11.17
N THR C 319 27.79 -16.99 10.51
CA THR C 319 28.33 -17.48 9.23
C THR C 319 28.34 -16.34 8.22
N LEU C 320 27.33 -15.48 8.33
CA LEU C 320 27.22 -14.29 7.48
C LEU C 320 28.37 -13.30 7.71
N LEU C 321 28.60 -12.97 8.98
CA LEU C 321 29.65 -12.05 9.30
C LEU C 321 30.97 -12.63 8.88
N GLN C 322 31.14 -13.94 9.09
CA GLN C 322 32.37 -14.67 8.64
C GLN C 322 32.58 -14.64 7.14
N GLN C 323 31.53 -15.04 6.42
CA GLN C 323 31.51 -14.96 4.95
C GLN C 323 32.05 -13.62 4.41
N LEU C 324 31.65 -12.52 5.05
CA LEU C 324 32.05 -11.16 4.64
C LEU C 324 33.40 -10.66 5.23
N LYS C 325 34.13 -11.52 5.94
CA LYS C 325 35.43 -11.13 6.52
C LYS C 325 35.33 -10.05 7.61
N LEU C 326 34.26 -10.09 8.40
CA LEU C 326 34.05 -9.11 9.50
C LEU C 326 34.24 -9.70 10.92
N CYS C 327 34.60 -10.98 11.01
CA CYS C 327 34.89 -11.63 12.31
C CYS C 327 35.58 -12.99 12.14
N ALA D 30 -20.52 -12.80 27.37
CA ALA D 30 -19.94 -11.80 26.42
C ALA D 30 -19.78 -10.44 27.09
N LEU D 31 -18.54 -10.00 27.18
CA LEU D 31 -18.19 -8.80 27.91
C LEU D 31 -18.07 -7.56 27.01
N PHE D 32 -18.41 -6.41 27.56
CA PHE D 32 -18.31 -5.16 26.84
C PHE D 32 -19.07 -5.14 25.49
N THR D 33 -20.32 -5.59 25.47
CA THR D 33 -21.18 -5.51 24.29
C THR D 33 -21.87 -4.15 24.26
N GLY D 34 -22.64 -3.86 23.20
CA GLY D 34 -23.47 -2.64 23.11
C GLY D 34 -22.72 -1.40 22.64
N ILE D 35 -23.19 -0.22 23.08
CA ILE D 35 -22.59 1.07 22.71
C ILE D 35 -21.59 1.55 23.77
N ILE D 36 -20.30 1.53 23.44
CA ILE D 36 -19.23 1.94 24.41
C ILE D 36 -18.36 3.03 23.80
N PRO D 37 -18.64 4.29 24.12
CA PRO D 37 -17.91 5.37 23.47
C PRO D 37 -16.43 5.49 23.85
N PRO D 38 -15.58 5.84 22.86
CA PRO D 38 -14.22 6.22 23.16
C PRO D 38 -14.29 7.67 23.57
N VAL D 39 -14.23 7.90 24.86
CA VAL D 39 -14.57 9.18 25.39
C VAL D 39 -13.43 10.14 25.14
N SER D 40 -13.79 11.37 24.84
CA SER D 40 -12.79 12.44 24.71
C SER D 40 -12.25 12.87 26.08
N THR D 41 -10.94 13.10 26.14
CA THR D 41 -10.31 13.69 27.31
C THR D 41 -10.34 15.22 27.19
N ILE D 42 -11.11 15.86 28.06
CA ILE D 42 -11.24 17.34 28.03
C ILE D 42 -9.97 17.95 28.67
N PHE D 43 -9.33 18.88 27.97
CA PHE D 43 -8.17 19.57 28.51
C PHE D 43 -8.49 21.04 28.68
N THR D 44 -7.84 21.68 29.64
CA THR D 44 -7.93 23.14 29.78
C THR D 44 -7.09 23.79 28.71
N ALA D 45 -7.18 25.12 28.63
CA ALA D 45 -6.37 25.90 27.68
C ALA D 45 -4.86 25.80 27.90
N ASP D 46 -4.41 25.52 29.13
CA ASP D 46 -2.97 25.31 29.42
C ASP D 46 -2.56 23.83 29.30
N GLY D 47 -3.50 22.98 28.87
CA GLY D 47 -3.21 21.56 28.58
C GLY D 47 -3.29 20.59 29.74
N GLN D 48 -3.99 20.99 30.81
CA GLN D 48 -4.19 20.10 31.98
C GLN D 48 -5.55 19.40 31.88
N LEU D 49 -5.69 18.24 32.52
CA LEU D 49 -6.97 17.50 32.54
C LEU D 49 -8.03 18.48 33.07
N ASP D 50 -9.14 18.59 32.35
CA ASP D 50 -10.29 19.39 32.77
C ASP D 50 -11.29 18.50 33.52
N LYS D 51 -11.18 18.50 34.84
CA LYS D 51 -11.97 17.57 35.65
C LYS D 51 -13.45 17.85 35.58
N PRO D 52 -13.89 19.12 35.77
CA PRO D 52 -15.33 19.42 35.61
C PRO D 52 -15.93 19.06 34.25
N GLY D 53 -15.21 19.39 33.17
CA GLY D 53 -15.67 19.12 31.79
C GLY D 53 -15.76 17.65 31.43
N THR D 54 -14.65 16.94 31.63
CA THR D 54 -14.57 15.48 31.45
C THR D 54 -15.60 14.70 32.30
N ALA D 55 -15.87 15.23 33.48
CA ALA D 55 -16.90 14.70 34.37
C ALA D 55 -18.33 14.92 33.81
N ALA D 56 -18.58 16.11 33.27
CA ALA D 56 -19.90 16.40 32.69
C ALA D 56 -20.14 15.53 31.46
N LEU D 57 -19.10 15.40 30.63
CA LEU D 57 -19.17 14.56 29.45
C LEU D 57 -19.57 13.14 29.88
N ILE D 58 -18.76 12.54 30.75
CA ILE D 58 -19.05 11.20 31.29
C ILE D 58 -20.53 11.06 31.73
N ASP D 59 -21.04 12.06 32.46
CA ASP D 59 -22.39 12.01 33.01
C ASP D 59 -23.47 12.08 31.93
N ASP D 60 -23.23 12.88 30.89
CA ASP D 60 -24.11 12.94 29.73
C ASP D 60 -24.23 11.56 29.06
N LEU D 61 -23.09 10.92 28.85
CA LEU D 61 -23.06 9.62 28.17
C LEU D 61 -23.73 8.51 29.00
N ILE D 62 -23.44 8.48 30.30
CA ILE D 62 -24.11 7.51 31.18
C ILE D 62 -25.60 7.77 31.12
N LYS D 63 -25.97 9.04 31.20
CA LYS D 63 -27.39 9.42 31.12
C LYS D 63 -28.04 9.02 29.79
N ALA D 64 -27.25 9.08 28.70
CA ALA D 64 -27.73 8.70 27.35
C ALA D 64 -28.02 7.19 27.19
N GLY D 65 -27.56 6.39 28.14
CA GLY D 65 -27.86 4.93 28.17
C GLY D 65 -26.77 4.06 27.53
N VAL D 66 -25.52 4.56 27.45
CA VAL D 66 -24.46 3.77 26.85
C VAL D 66 -24.17 2.56 27.71
N ASP D 67 -23.49 1.57 27.13
CA ASP D 67 -23.25 0.29 27.81
C ASP D 67 -21.90 0.18 28.49
N GLY D 68 -21.07 1.20 28.33
CA GLY D 68 -19.77 1.24 28.98
C GLY D 68 -19.06 2.52 28.55
N LEU D 69 -17.85 2.74 29.07
CA LEU D 69 -17.01 3.90 28.65
C LEU D 69 -15.54 3.52 28.44
N PHE D 70 -14.97 4.05 27.36
CA PHE D 70 -13.59 3.74 26.97
C PHE D 70 -12.70 5.00 26.97
N PHE D 71 -11.87 5.11 27.99
CA PHE D 71 -10.98 6.24 28.14
C PHE D 71 -9.62 5.92 27.56
N LEU D 72 -8.96 6.96 27.08
CA LEU D 72 -7.62 6.88 26.51
C LEU D 72 -7.56 5.98 25.29
N GLY D 73 -8.60 6.11 24.47
CA GLY D 73 -8.60 5.59 23.10
C GLY D 73 -7.87 6.55 22.17
N SER D 74 -8.01 6.34 20.87
CA SER D 74 -7.36 7.20 19.89
C SER D 74 -7.91 8.59 20.01
N GLY D 75 -9.24 8.64 20.06
CA GLY D 75 -9.97 9.89 20.27
C GLY D 75 -9.71 10.54 21.62
N GLY D 76 -9.40 9.72 22.62
CA GLY D 76 -8.97 10.17 23.95
C GLY D 76 -7.60 10.82 23.99
N GLU D 77 -6.89 10.82 22.84
CA GLU D 77 -5.56 11.38 22.70
C GLU D 77 -4.52 10.62 23.50
N PHE D 78 -4.70 9.32 23.63
CA PHE D 78 -3.74 8.51 24.41
C PHE D 78 -2.27 8.69 23.94
N SER D 79 -2.07 8.85 22.63
CA SER D 79 -0.70 8.87 22.03
C SER D 79 0.05 10.22 22.05
N GLN D 80 -0.65 11.28 22.44
CA GLN D 80 -0.03 12.60 22.67
C GLN D 80 0.28 12.83 24.16
N LEU D 81 -0.04 11.84 25.01
CA LEU D 81 0.13 11.93 26.47
C LEU D 81 1.31 11.09 27.00
N GLY D 82 2.03 11.63 27.97
CA GLY D 82 2.97 10.86 28.74
C GLY D 82 2.28 9.88 29.69
N ALA D 83 3.08 8.95 30.18
CA ALA D 83 2.60 7.86 31.03
C ALA D 83 1.84 8.34 32.27
N GLU D 84 2.45 9.26 33.01
CA GLU D 84 1.91 9.68 34.30
C GLU D 84 0.57 10.39 34.14
N GLU D 85 0.45 11.13 33.05
CA GLU D 85 -0.77 11.85 32.71
C GLU D 85 -1.94 10.89 32.42
N ARG D 86 -1.66 9.81 31.68
CA ARG D 86 -2.63 8.75 31.38
C ARG D 86 -3.10 8.06 32.65
N LYS D 87 -2.21 7.87 33.60
CA LYS D 87 -2.57 7.28 34.88
C LYS D 87 -3.56 8.16 35.62
N ALA D 88 -3.20 9.44 35.69
CA ALA D 88 -4.00 10.45 36.34
C ALA D 88 -5.38 10.52 35.73
N ILE D 89 -5.45 10.47 34.40
CA ILE D 89 -6.73 10.52 33.67
C ILE D 89 -7.59 9.27 33.88
N ALA D 90 -6.96 8.11 33.81
CA ALA D 90 -7.63 6.85 34.05
C ALA D 90 -8.23 6.81 35.48
N ARG D 91 -7.40 7.14 36.46
CA ARG D 91 -7.83 7.12 37.85
C ARG D 91 -9.05 8.02 38.06
N PHE D 92 -8.93 9.25 37.59
CA PHE D 92 -10.00 10.21 37.70
C PHE D 92 -11.27 9.67 37.04
N ALA D 93 -11.11 9.16 35.82
CA ALA D 93 -12.23 8.69 35.01
C ALA D 93 -12.95 7.53 35.67
N ILE D 94 -12.17 6.61 36.24
CA ILE D 94 -12.74 5.45 36.92
C ILE D 94 -13.53 5.89 38.16
N ASP D 95 -12.89 6.72 38.95
CA ASP D 95 -13.48 7.29 40.16
C ASP D 95 -14.75 8.04 39.85
N HIS D 96 -14.78 8.87 38.79
CA HIS D 96 -16.01 9.60 38.50
C HIS D 96 -17.15 8.69 38.04
N VAL D 97 -16.81 7.64 37.28
CA VAL D 97 -17.81 6.68 36.81
C VAL D 97 -18.43 5.91 37.99
N ASP D 98 -17.61 5.58 38.98
CA ASP D 98 -18.10 5.02 40.24
C ASP D 98 -18.96 3.77 39.98
N ARG D 99 -18.48 2.94 39.07
CA ARG D 99 -19.08 1.64 38.73
C ARG D 99 -20.49 1.72 38.12
N ARG D 100 -20.98 2.91 37.74
CA ARG D 100 -22.33 3.01 37.16
C ARG D 100 -22.42 2.28 35.82
N VAL D 101 -21.31 2.29 35.07
CA VAL D 101 -21.14 1.46 33.86
C VAL D 101 -19.73 0.89 33.82
N PRO D 102 -19.52 -0.19 33.05
CA PRO D 102 -18.16 -0.73 32.93
C PRO D 102 -17.21 0.26 32.24
N VAL D 103 -15.97 0.31 32.72
CA VAL D 103 -14.97 1.24 32.23
C VAL D 103 -13.88 0.44 31.57
N LEU D 104 -13.42 0.90 30.40
CA LEU D 104 -12.26 0.36 29.70
C LEU D 104 -11.15 1.40 29.63
N ILE D 105 -9.93 1.02 29.99
CA ILE D 105 -8.79 1.92 29.89
C ILE D 105 -7.87 1.46 28.75
N GLY D 106 -7.56 2.37 27.84
CA GLY D 106 -6.65 2.08 26.74
C GLY D 106 -5.21 2.29 27.17
N THR D 107 -4.44 1.22 27.17
CA THR D 107 -3.15 1.20 27.87
C THR D 107 -1.97 0.94 26.94
N GLY D 108 -2.24 0.95 25.65
CA GLY D 108 -1.26 0.53 24.68
C GLY D 108 -0.37 1.65 24.20
N GLY D 109 0.40 1.32 23.20
CA GLY D 109 1.47 2.20 22.76
C GLY D 109 2.60 1.40 22.16
N THR D 110 3.79 1.98 22.18
CA THR D 110 5.00 1.41 21.53
C THR D 110 5.89 0.73 22.61
N ASN D 111 5.87 1.30 23.82
CA ASN D 111 6.66 0.81 24.95
C ASN D 111 5.94 -0.31 25.74
N ALA D 112 6.39 -1.54 25.53
CA ALA D 112 5.77 -2.71 26.12
C ALA D 112 5.74 -2.68 27.65
N ARG D 113 6.89 -2.37 28.27
CA ARG D 113 6.93 -2.22 29.74
C ARG D 113 5.94 -1.16 30.24
N GLU D 114 5.80 -0.11 29.45
CA GLU D 114 4.87 0.94 29.79
C GLU D 114 3.44 0.43 29.68
N THR D 115 3.21 -0.46 28.71
CA THR D 115 1.88 -1.06 28.55
C THR D 115 1.46 -1.90 29.76
N ILE D 116 2.40 -2.65 30.29
CA ILE D 116 2.20 -3.48 31.49
C ILE D 116 1.93 -2.60 32.71
N GLU D 117 2.85 -1.68 32.96
CA GLU D 117 2.71 -0.68 34.02
C GLU D 117 1.31 -0.07 34.00
N LEU D 118 0.98 0.56 32.87
CA LEU D 118 -0.29 1.21 32.71
C LEU D 118 -1.42 0.24 32.86
N SER D 119 -1.24 -0.98 32.37
CA SER D 119 -2.32 -2.00 32.45
C SER D 119 -2.63 -2.42 33.94
N GLN D 120 -1.55 -2.61 34.70
CA GLN D 120 -1.65 -3.00 36.11
C GLN D 120 -2.27 -1.89 36.93
N HIS D 121 -1.82 -0.68 36.62
CA HIS D 121 -2.36 0.51 37.25
C HIS D 121 -3.83 0.61 36.96
N ALA D 122 -4.21 0.37 35.71
CA ALA D 122 -5.62 0.34 35.35
C ALA D 122 -6.40 -0.60 36.31
N GLN D 123 -5.80 -1.76 36.54
CA GLN D 123 -6.37 -2.76 37.44
C GLN D 123 -6.46 -2.25 38.89
N GLN D 124 -5.36 -1.76 39.44
CA GLN D 124 -5.34 -1.26 40.81
C GLN D 124 -6.35 -0.13 41.01
N ALA D 125 -6.43 0.74 40.00
CA ALA D 125 -7.32 1.89 40.02
C ALA D 125 -8.81 1.50 39.86
N GLY D 126 -9.08 0.22 39.59
CA GLY D 126 -10.48 -0.28 39.57
C GLY D 126 -11.15 -0.38 38.20
N ALA D 127 -10.35 -0.37 37.14
CA ALA D 127 -10.91 -0.52 35.77
C ALA D 127 -11.51 -1.90 35.61
N ASP D 128 -12.50 -2.02 34.74
CA ASP D 128 -13.13 -3.31 34.45
C ASP D 128 -12.46 -4.06 33.31
N GLY D 129 -11.61 -3.36 32.55
CA GLY D 129 -10.86 -3.94 31.45
C GLY D 129 -9.93 -2.97 30.75
N ILE D 130 -9.03 -3.52 29.95
CA ILE D 130 -8.07 -2.68 29.22
C ILE D 130 -8.26 -2.90 27.73
N VAL D 131 -7.81 -1.92 26.94
CA VAL D 131 -7.91 -2.01 25.47
C VAL D 131 -6.54 -1.81 24.91
N VAL D 132 -6.02 -2.82 24.21
CA VAL D 132 -4.63 -2.83 23.86
C VAL D 132 -4.47 -2.92 22.36
N ILE D 133 -3.78 -1.92 21.81
CA ILE D 133 -3.49 -1.88 20.39
C ILE D 133 -2.17 -2.56 20.19
N ASN D 134 -1.95 -3.06 18.98
CA ASN D 134 -0.62 -3.57 18.59
C ASN D 134 0.41 -2.43 18.45
N PRO D 135 1.69 -2.71 18.79
CA PRO D 135 2.72 -1.69 18.72
C PRO D 135 2.86 -1.16 17.31
N TYR D 136 2.95 0.15 17.18
CA TYR D 136 2.70 0.80 15.93
C TYR D 136 3.85 1.54 15.31
N TYR D 137 5.04 1.47 15.89
CA TYR D 137 6.25 1.98 15.21
C TYR D 137 6.91 0.83 14.47
N TRP D 138 7.72 0.01 15.16
CA TRP D 138 8.11 -1.29 14.60
C TRP D 138 6.84 -2.10 14.32
N LYS D 139 6.75 -2.68 13.13
CA LYS D 139 5.68 -3.63 12.84
C LYS D 139 6.27 -5.00 13.13
N VAL D 140 5.80 -5.52 14.24
CA VAL D 140 6.46 -6.58 14.98
C VAL D 140 6.21 -7.95 14.33
N SER D 141 7.26 -8.78 14.27
CA SER D 141 7.08 -10.16 13.82
C SER D 141 5.89 -10.78 14.53
N GLU D 142 5.21 -11.68 13.84
CA GLU D 142 4.08 -12.42 14.41
C GLU D 142 4.40 -13.11 15.75
N ALA D 143 5.56 -13.74 15.82
CA ALA D 143 6.02 -14.40 17.04
C ALA D 143 6.08 -13.38 18.17
N ASN D 144 6.71 -12.23 17.90
CA ASN D 144 6.80 -11.15 18.89
C ASN D 144 5.43 -10.48 19.24
N LEU D 145 4.50 -10.51 18.30
CA LEU D 145 3.20 -9.87 18.48
C LEU D 145 2.31 -10.71 19.38
N ILE D 146 2.37 -12.01 19.12
CA ILE D 146 1.70 -12.96 19.96
C ILE D 146 2.32 -12.92 21.34
N ARG D 147 3.65 -12.94 21.39
CA ARG D 147 4.39 -12.85 22.67
C ARG D 147 3.98 -11.57 23.43
N TYR D 148 3.94 -10.43 22.74
CA TYR D 148 3.55 -9.18 23.40
C TYR D 148 2.14 -9.18 24.02
N PHE D 149 1.14 -9.51 23.22
CA PHE D 149 -0.22 -9.62 23.71
C PHE D 149 -0.41 -10.66 24.83
N GLU D 150 0.36 -11.74 24.79
CA GLU D 150 0.32 -12.73 25.86
C GLU D 150 0.88 -12.12 27.15
N GLN D 151 1.98 -11.39 27.03
CA GLN D 151 2.64 -10.83 28.20
C GLN D 151 1.78 -9.78 28.87
N VAL D 152 1.22 -8.87 28.07
CA VAL D 152 0.30 -7.89 28.65
C VAL D 152 -0.97 -8.57 29.22
N ALA D 153 -1.50 -9.59 28.55
CA ALA D 153 -2.65 -10.33 29.09
C ALA D 153 -2.32 -11.02 30.42
N ASP D 154 -1.10 -11.56 30.53
CA ASP D 154 -0.61 -12.20 31.77
C ASP D 154 -0.25 -11.23 32.90
N SER D 155 -0.19 -9.94 32.61
CA SER D 155 0.15 -8.96 33.62
C SER D 155 -1.07 -8.50 34.41
N VAL D 156 -2.26 -8.84 33.94
CA VAL D 156 -3.49 -8.47 34.64
C VAL D 156 -4.44 -9.65 34.73
N THR D 157 -5.45 -9.53 35.58
CA THR D 157 -6.56 -10.48 35.61
C THR D 157 -7.81 -9.88 34.98
N LEU D 158 -7.69 -8.65 34.50
CA LEU D 158 -8.80 -7.97 33.86
C LEU D 158 -9.03 -8.54 32.48
N PRO D 159 -10.28 -8.45 31.97
CA PRO D 159 -10.52 -8.78 30.58
C PRO D 159 -9.82 -7.78 29.69
N VAL D 160 -9.32 -8.28 28.57
CA VAL D 160 -8.47 -7.52 27.67
C VAL D 160 -9.09 -7.46 26.28
N MET D 161 -9.20 -6.25 25.77
CA MET D 161 -9.78 -6.00 24.46
C MET D 161 -8.66 -5.62 23.50
N LEU D 162 -8.56 -6.35 22.40
CA LEU D 162 -7.59 -5.99 21.39
C LEU D 162 -8.11 -4.78 20.64
N TYR D 163 -7.19 -4.06 20.01
CA TYR D 163 -7.54 -2.88 19.26
C TYR D 163 -6.80 -2.92 17.91
N ASN D 164 -7.58 -3.16 16.86
CA ASN D 164 -7.07 -3.12 15.48
C ASN D 164 -7.38 -1.78 14.85
N PHE D 165 -6.39 -1.16 14.22
CA PHE D 165 -6.57 0.11 13.54
C PHE D 165 -5.45 0.22 12.48
N PRO D 166 -5.51 -0.59 11.43
CA PRO D 166 -4.37 -0.78 10.50
C PRO D 166 -3.94 0.48 9.73
N ALA D 167 -4.92 1.29 9.35
CA ALA D 167 -4.70 2.60 8.76
C ALA D 167 -3.63 3.39 9.51
N LEU D 168 -3.67 3.32 10.84
CA LEU D 168 -2.66 3.96 11.68
C LEU D 168 -1.50 3.05 12.10
N THR D 169 -1.76 1.77 12.36
CA THR D 169 -0.69 0.89 12.85
C THR D 169 0.26 0.35 11.75
N GLY D 170 -0.19 0.30 10.51
CA GLY D 170 0.60 -0.34 9.44
C GLY D 170 0.69 -1.85 9.55
N GLN D 171 -0.01 -2.42 10.53
CA GLN D 171 -0.05 -3.85 10.77
C GLN D 171 -1.41 -4.32 11.23
N ASP D 172 -2.04 -5.14 10.41
CA ASP D 172 -3.39 -5.61 10.66
C ASP D 172 -3.45 -6.81 11.62
N LEU D 173 -4.37 -6.73 12.56
CA LEU D 173 -4.73 -7.89 13.40
C LEU D 173 -5.74 -8.74 12.65
N THR D 174 -5.23 -9.77 12.00
CA THR D 174 -6.01 -10.57 11.07
C THR D 174 -6.90 -11.44 11.91
N PRO D 175 -8.07 -11.83 11.36
CA PRO D 175 -8.99 -12.71 12.08
C PRO D 175 -8.30 -13.96 12.58
N ALA D 176 -7.53 -14.61 11.72
CA ALA D 176 -6.76 -15.80 12.08
C ALA D 176 -5.93 -15.52 13.31
N LEU D 177 -5.17 -14.43 13.28
CA LEU D 177 -4.28 -14.12 14.40
C LEU D 177 -5.06 -13.78 15.68
N VAL D 178 -6.16 -13.05 15.55
CA VAL D 178 -7.03 -12.75 16.71
C VAL D 178 -7.60 -14.05 17.29
N LYS D 179 -7.81 -15.03 16.44
CA LYS D 179 -8.27 -16.33 16.89
C LYS D 179 -7.10 -17.07 17.64
N THR D 180 -5.89 -17.05 17.09
CA THR D 180 -4.69 -17.54 17.84
C THR D 180 -4.50 -16.91 19.23
N LEU D 181 -4.79 -15.60 19.35
CA LEU D 181 -4.69 -14.90 20.65
C LEU D 181 -5.81 -15.29 21.64
N ALA D 182 -7.05 -15.39 21.17
CA ALA D 182 -8.18 -15.84 21.99
C ALA D 182 -8.02 -17.30 22.41
N ASP D 183 -7.36 -18.08 21.56
CA ASP D 183 -7.09 -19.51 21.84
C ASP D 183 -6.02 -19.65 22.91
N SER D 184 -5.15 -18.64 23.05
CA SER D 184 -3.98 -18.73 23.90
C SER D 184 -4.29 -18.24 25.29
N ARG D 185 -5.14 -17.21 25.40
CA ARG D 185 -5.38 -16.51 26.70
C ARG D 185 -6.87 -16.26 26.97
N SER D 186 -7.36 -16.78 28.09
CA SER D 186 -8.80 -16.75 28.39
C SER D 186 -9.35 -15.37 28.64
N ASN D 187 -8.44 -14.48 29.02
CA ASN D 187 -8.77 -13.09 29.27
C ASN D 187 -8.69 -12.18 28.04
N ILE D 188 -8.28 -12.71 26.87
CA ILE D 188 -8.45 -11.98 25.62
C ILE D 188 -9.87 -12.30 25.09
N ILE D 189 -10.80 -11.39 25.30
CA ILE D 189 -12.23 -11.71 25.14
C ILE D 189 -12.96 -10.82 24.17
N GLY D 190 -12.22 -9.99 23.44
CA GLY D 190 -12.83 -9.12 22.45
C GLY D 190 -11.94 -8.25 21.61
N ILE D 191 -12.58 -7.48 20.74
CA ILE D 191 -11.91 -6.58 19.81
C ILE D 191 -12.76 -5.40 19.33
N LYS D 192 -12.13 -4.23 19.31
CA LYS D 192 -12.58 -3.07 18.60
C LYS D 192 -11.87 -3.08 17.24
N ASP D 193 -12.63 -3.32 16.18
CA ASP D 193 -12.06 -3.41 14.83
C ASP D 193 -12.28 -2.12 14.07
N THR D 194 -11.20 -1.36 13.89
CA THR D 194 -11.29 -0.03 13.32
C THR D 194 -10.81 -0.05 11.88
N ILE D 195 -11.74 -0.26 10.98
CA ILE D 195 -11.45 -0.38 9.56
C ILE D 195 -12.73 -0.23 8.74
N ASP D 196 -12.63 0.51 7.64
CA ASP D 196 -13.79 0.69 6.73
C ASP D 196 -13.79 -0.50 5.79
N SER D 197 -14.38 -1.61 6.26
CA SER D 197 -14.39 -2.90 5.52
C SER D 197 -15.40 -3.87 6.08
N VAL D 198 -16.39 -4.23 5.28
CA VAL D 198 -17.39 -5.23 5.70
C VAL D 198 -16.67 -6.58 5.79
N ALA D 199 -15.81 -6.89 4.83
CA ALA D 199 -15.07 -8.19 4.80
C ALA D 199 -14.26 -8.48 6.07
N HIS D 200 -13.59 -7.48 6.60
CA HIS D 200 -12.77 -7.72 7.79
C HIS D 200 -13.71 -7.98 9.00
N LEU D 201 -14.75 -7.19 9.12
CA LEU D 201 -15.72 -7.38 10.19
C LEU D 201 -16.36 -8.77 10.13
N ARG D 202 -16.80 -9.15 8.92
CA ARG D 202 -17.49 -10.45 8.72
C ARG D 202 -16.55 -11.62 8.95
N SER D 203 -15.34 -11.49 8.44
CA SER D 203 -14.29 -12.50 8.62
C SER D 203 -13.85 -12.61 10.08
N MET D 204 -13.83 -11.47 10.78
CA MET D 204 -13.55 -11.44 12.20
C MET D 204 -14.63 -12.21 12.96
N ILE D 205 -15.89 -11.95 12.62
CA ILE D 205 -16.98 -12.58 13.31
C ILE D 205 -16.95 -14.07 13.05
N HIS D 206 -16.80 -14.49 11.79
CA HIS D 206 -16.86 -15.92 11.50
C HIS D 206 -15.71 -16.68 12.12
N THR D 207 -14.50 -16.20 11.92
CA THR D 207 -13.34 -16.90 12.41
C THR D 207 -13.32 -16.97 13.95
N VAL D 208 -13.51 -15.83 14.58
CA VAL D 208 -13.23 -15.74 16.01
C VAL D 208 -14.44 -16.15 16.80
N LYS D 209 -15.60 -15.58 16.49
CA LYS D 209 -16.84 -15.96 17.21
C LYS D 209 -17.32 -17.41 16.96
N GLY D 210 -17.01 -17.95 15.78
CA GLY D 210 -17.33 -19.34 15.44
C GLY D 210 -16.56 -20.27 16.35
N ALA D 211 -15.29 -19.91 16.63
CA ALA D 211 -14.45 -20.62 17.61
C ALA D 211 -14.76 -20.24 19.07
N HIS D 212 -15.09 -18.98 19.31
CA HIS D 212 -15.31 -18.44 20.64
C HIS D 212 -16.58 -17.59 20.68
N PRO D 213 -17.75 -18.23 20.92
CA PRO D 213 -19.02 -17.53 20.72
C PRO D 213 -19.26 -16.28 21.55
N HIS D 214 -18.64 -16.18 22.73
CA HIS D 214 -18.86 -15.02 23.62
C HIS D 214 -17.72 -14.00 23.55
N PHE D 215 -16.81 -14.19 22.59
CA PHE D 215 -15.76 -13.23 22.24
C PHE D 215 -16.40 -12.02 21.59
N THR D 216 -16.06 -10.84 22.05
CA THR D 216 -16.83 -9.69 21.61
C THR D 216 -16.18 -8.97 20.39
N VAL D 217 -17.01 -8.58 19.43
CA VAL D 217 -16.57 -7.88 18.23
C VAL D 217 -17.32 -6.58 18.12
N LEU D 218 -16.58 -5.49 18.28
CA LEU D 218 -17.12 -4.15 18.14
C LEU D 218 -16.40 -3.48 16.98
N CYS D 219 -17.13 -2.67 16.24
CA CYS D 219 -16.53 -1.92 15.15
C CYS D 219 -16.11 -0.56 15.66
N GLY D 220 -15.10 0.02 15.00
CA GLY D 220 -14.49 1.27 15.42
C GLY D 220 -15.07 2.47 14.71
N TYR D 221 -15.95 2.23 13.74
CA TYR D 221 -16.54 3.31 12.92
C TYR D 221 -18.03 3.32 12.94
N ASP D 222 -18.59 4.52 12.91
CA ASP D 222 -20.07 4.73 13.18
C ASP D 222 -20.93 4.08 12.11
N ASP D 223 -20.41 4.08 10.88
CA ASP D 223 -21.17 3.66 9.71
C ASP D 223 -21.23 2.15 9.56
N HIS D 224 -20.54 1.44 10.44
CA HIS D 224 -20.48 -0.02 10.40
C HIS D 224 -21.23 -0.69 11.55
N LEU D 225 -21.78 0.08 12.47
CA LEU D 225 -22.49 -0.49 13.61
C LEU D 225 -23.61 -1.44 13.17
N PHE D 226 -24.55 -0.92 12.40
CA PHE D 226 -25.76 -1.67 11.94
C PHE D 226 -25.35 -2.98 11.26
N ASN D 227 -24.45 -2.86 10.29
CA ASN D 227 -23.83 -4.02 9.65
C ASN D 227 -23.17 -4.97 10.63
N THR D 228 -22.42 -4.42 11.58
CA THR D 228 -21.73 -5.28 12.56
C THR D 228 -22.80 -6.09 13.32
N LEU D 229 -23.92 -5.46 13.66
CA LEU D 229 -24.99 -6.18 14.36
C LEU D 229 -25.56 -7.28 13.48
N LEU D 230 -25.90 -6.92 12.24
CA LEU D 230 -26.53 -7.87 11.32
C LEU D 230 -25.62 -9.04 10.91
N LEU D 231 -24.33 -8.87 11.09
CA LEU D 231 -23.32 -9.91 10.82
C LEU D 231 -23.13 -10.88 12.01
N GLY D 232 -23.81 -10.60 13.13
CA GLY D 232 -23.66 -11.40 14.35
C GLY D 232 -22.62 -10.86 15.34
N GLY D 233 -22.22 -9.61 15.13
CA GLY D 233 -21.28 -8.90 16.01
C GLY D 233 -22.02 -8.20 17.14
N ASP D 234 -21.25 -7.42 17.91
CA ASP D 234 -21.64 -7.08 19.29
C ASP D 234 -21.90 -5.61 19.60
N GLY D 235 -21.45 -4.73 18.71
CA GLY D 235 -21.69 -3.29 18.90
C GLY D 235 -20.64 -2.38 18.29
N ALA D 236 -20.52 -1.20 18.87
CA ALA D 236 -19.58 -0.19 18.40
C ALA D 236 -18.93 0.59 19.51
N ILE D 237 -17.62 0.81 19.33
CA ILE D 237 -16.87 1.91 19.98
C ILE D 237 -16.54 2.92 18.88
N SER D 238 -17.27 4.02 18.85
CA SER D 238 -17.06 5.00 17.78
C SER D 238 -17.27 6.43 18.25
N ALA D 239 -16.56 7.35 17.59
CA ALA D 239 -16.55 8.75 18.01
C ALA D 239 -17.95 9.42 18.21
N SER D 240 -18.94 9.09 17.38
CA SER D 240 -20.28 9.73 17.48
C SER D 240 -20.95 9.51 18.86
N GLY D 241 -20.43 8.54 19.61
CA GLY D 241 -20.86 8.30 20.96
C GLY D 241 -20.63 9.48 21.91
N ASN D 242 -19.66 10.34 21.58
CA ASN D 242 -19.39 11.52 22.41
C ASN D 242 -20.42 12.62 22.32
N PHE D 243 -20.79 12.96 21.10
CA PHE D 243 -21.69 14.08 20.86
C PHE D 243 -23.05 13.64 20.42
N ALA D 244 -23.20 12.39 20.07
CA ALA D 244 -24.52 11.93 19.62
C ALA D 244 -24.85 10.46 19.99
N PRO D 245 -24.60 10.06 21.25
CA PRO D 245 -24.78 8.67 21.64
C PRO D 245 -26.23 8.15 21.51
N GLN D 246 -27.21 9.05 21.56
CA GLN D 246 -28.62 8.62 21.46
C GLN D 246 -28.84 7.81 20.18
N VAL D 247 -28.19 8.22 19.11
CA VAL D 247 -28.38 7.60 17.79
C VAL D 247 -27.95 6.14 17.84
N SER D 248 -26.72 5.88 18.31
CA SER D 248 -26.21 4.50 18.42
C SER D 248 -26.94 3.69 19.48
N VAL D 249 -27.25 4.34 20.59
CA VAL D 249 -27.95 3.69 21.71
C VAL D 249 -29.35 3.24 21.27
N ASN D 250 -30.03 4.11 20.52
CA ASN D 250 -31.39 3.84 20.05
C ASN D 250 -31.40 2.81 18.94
N LEU D 251 -30.36 2.86 18.11
CA LEU D 251 -30.21 1.85 17.07
C LEU D 251 -30.13 0.49 17.74
N LEU D 252 -29.21 0.37 18.69
CA LEU D 252 -29.03 -0.88 19.44
C LEU D 252 -30.32 -1.32 20.10
N LYS D 253 -31.00 -0.40 20.77
CA LYS D 253 -32.24 -0.72 21.46
C LYS D 253 -33.28 -1.22 20.46
N ALA D 254 -33.43 -0.49 19.36
CA ALA D 254 -34.37 -0.84 18.29
C ALA D 254 -34.11 -2.24 17.71
N TRP D 255 -32.84 -2.53 17.42
CA TRP D 255 -32.43 -3.83 16.92
C TRP D 255 -32.75 -4.91 17.95
N ARG D 256 -32.39 -4.66 19.20
CA ARG D 256 -32.68 -5.64 20.26
C ARG D 256 -34.20 -5.90 20.41
N ASP D 257 -35.05 -4.87 20.27
CA ASP D 257 -36.54 -5.04 20.30
C ASP D 257 -37.09 -5.68 19.02
N GLY D 258 -36.22 -5.97 18.06
CA GLY D 258 -36.65 -6.57 16.80
C GLY D 258 -37.16 -5.59 15.75
N ASP D 259 -37.25 -4.31 16.10
CA ASP D 259 -37.71 -3.30 15.14
C ASP D 259 -36.57 -2.83 14.22
N VAL D 260 -36.32 -3.62 13.18
CA VAL D 260 -35.22 -3.38 12.22
C VAL D 260 -35.36 -2.07 11.44
N ALA D 261 -36.60 -1.71 11.10
CA ALA D 261 -36.87 -0.51 10.32
C ALA D 261 -36.34 0.70 11.07
N LYS D 262 -36.82 0.88 12.28
CA LYS D 262 -36.39 1.96 13.16
C LYS D 262 -34.86 1.96 13.31
N ALA D 263 -34.29 0.78 13.39
CA ALA D 263 -32.84 0.62 13.54
C ALA D 263 -32.03 1.07 12.30
N ALA D 264 -32.57 0.80 11.12
CA ALA D 264 -31.96 1.20 9.87
C ALA D 264 -32.11 2.71 9.64
N GLY D 265 -33.16 3.28 10.23
CA GLY D 265 -33.38 4.71 10.18
C GLY D 265 -32.25 5.43 10.88
N TYR D 266 -31.97 5.00 12.12
CA TYR D 266 -30.85 5.56 12.88
C TYR D 266 -29.58 5.32 12.12
N HIS D 267 -29.46 4.14 11.52
CA HIS D 267 -28.29 3.78 10.71
C HIS D 267 -28.04 4.80 9.62
N GLN D 268 -29.12 5.36 9.09
CA GLN D 268 -29.03 6.33 7.98
C GLN D 268 -28.25 7.57 8.41
N THR D 269 -28.42 7.96 9.67
CA THR D 269 -27.68 9.10 10.23
C THR D 269 -26.21 8.74 10.43
N LEU D 270 -25.97 7.55 10.97
CA LEU D 270 -24.61 7.12 11.24
C LEU D 270 -23.78 6.94 9.96
N LEU D 271 -24.46 6.64 8.85
CA LEU D 271 -23.80 6.54 7.54
C LEU D 271 -23.19 7.88 7.11
N GLN D 272 -23.88 8.96 7.48
CA GLN D 272 -23.49 10.32 7.12
C GLN D 272 -22.48 10.92 8.04
N ILE D 273 -22.46 10.48 9.29
CA ILE D 273 -21.75 11.21 10.31
C ILE D 273 -20.25 11.32 10.01
N PRO D 274 -19.64 10.26 9.45
CA PRO D 274 -18.18 10.28 9.32
C PRO D 274 -17.60 11.23 8.27
N GLN D 275 -18.45 11.99 7.59
CA GLN D 275 -17.99 13.11 6.74
C GLN D 275 -17.13 14.11 7.54
N MET D 276 -17.60 14.43 8.75
CA MET D 276 -16.93 15.41 9.62
C MET D 276 -15.47 15.04 9.98
N TYR D 277 -15.18 13.76 10.08
CA TYR D 277 -13.85 13.32 10.44
C TYR D 277 -12.87 13.67 9.34
N GLN D 278 -13.38 14.06 8.16
CA GLN D 278 -12.49 14.49 7.08
C GLN D 278 -11.96 15.93 7.26
N LEU D 279 -12.56 16.68 8.18
CA LEU D 279 -12.22 18.11 8.35
C LEU D 279 -10.84 18.38 8.90
N ASP D 280 -10.29 17.42 9.64
CA ASP D 280 -8.93 17.58 10.13
C ASP D 280 -8.32 16.23 10.41
N THR D 281 -7.01 16.24 10.55
CA THR D 281 -6.25 15.07 10.91
C THR D 281 -5.07 15.49 11.80
N PRO D 282 -5.13 15.12 13.09
CA PRO D 282 -6.17 14.32 13.78
C PRO D 282 -7.55 14.98 13.89
N PHE D 283 -8.61 14.18 13.86
CA PHE D 283 -9.98 14.73 13.99
C PHE D 283 -10.52 14.74 15.44
N VAL D 284 -9.60 14.58 16.39
CA VAL D 284 -9.92 14.68 17.82
C VAL D 284 -10.51 16.04 18.17
N ASN D 285 -10.05 17.08 17.48
CA ASN D 285 -10.58 18.41 17.66
C ASN D 285 -12.03 18.48 17.16
N VAL D 286 -12.28 17.84 16.02
CA VAL D 286 -13.60 17.85 15.41
C VAL D 286 -14.60 17.28 16.39
N ILE D 287 -14.22 16.20 17.07
CA ILE D 287 -15.18 15.52 17.96
C ILE D 287 -15.59 16.42 19.13
N LYS D 288 -14.59 17.04 19.75
CA LYS D 288 -14.82 17.98 20.87
C LYS D 288 -15.68 19.16 20.47
N GLU D 289 -15.44 19.70 19.29
CA GLU D 289 -16.23 20.82 18.77
C GLU D 289 -17.68 20.40 18.57
N ALA D 290 -17.87 19.14 18.19
CA ALA D 290 -19.19 18.58 17.99
C ALA D 290 -19.90 18.38 19.34
N ILE D 291 -19.14 18.11 20.39
CA ILE D 291 -19.73 17.93 21.72
C ILE D 291 -20.36 19.25 22.11
N VAL D 292 -19.63 20.34 21.88
CA VAL D 292 -20.08 21.71 22.21
C VAL D 292 -21.32 22.07 21.45
N LEU D 293 -21.20 21.99 20.14
CA LEU D 293 -22.29 22.28 19.25
C LEU D 293 -23.53 21.47 19.53
N CYS D 294 -23.39 20.30 20.12
CA CYS D 294 -24.55 19.46 20.45
C CYS D 294 -25.08 19.72 21.87
N GLY D 295 -24.55 20.73 22.56
CA GLY D 295 -25.14 21.22 23.81
C GLY D 295 -24.31 21.11 25.08
N ARG D 296 -23.12 20.53 25.01
CA ARG D 296 -22.26 20.37 26.20
C ARG D 296 -21.03 21.26 26.10
N PRO D 297 -21.04 22.40 26.81
CA PRO D 297 -19.96 23.39 26.63
C PRO D 297 -18.67 23.03 27.35
N VAL D 298 -17.79 22.37 26.65
CA VAL D 298 -16.51 21.99 27.21
C VAL D 298 -15.41 22.69 26.45
N SER D 299 -14.26 22.85 27.11
CA SER D 299 -13.04 23.26 26.44
C SER D 299 -12.72 22.27 25.35
N THR D 300 -12.43 22.79 24.16
CA THR D 300 -12.12 21.94 23.00
C THR D 300 -10.60 21.84 22.78
N HIS D 301 -9.81 22.35 23.72
CA HIS D 301 -8.37 22.25 23.59
C HIS D 301 -7.97 20.80 23.28
N VAL D 302 -6.95 20.67 22.43
CA VAL D 302 -6.40 19.38 22.02
C VAL D 302 -4.87 19.41 22.12
N LEU D 303 -4.27 18.26 22.38
CA LEU D 303 -2.81 18.20 22.56
C LEU D 303 -2.07 18.13 21.24
N PRO D 304 -0.96 18.86 21.14
CA PRO D 304 -0.28 18.76 19.86
C PRO D 304 0.16 17.31 19.60
N PRO D 305 0.41 16.95 18.31
CA PRO D 305 0.33 17.83 17.12
C PRO D 305 -1.07 18.00 16.52
N ALA D 306 -2.12 17.63 17.24
CA ALA D 306 -3.45 18.13 16.86
C ALA D 306 -3.45 19.65 17.10
N SER D 307 -4.41 20.35 16.54
CA SER D 307 -4.48 21.81 16.67
C SER D 307 -5.94 22.24 16.66
N PRO D 308 -6.23 23.48 17.11
CA PRO D 308 -7.58 24.01 17.06
C PRO D 308 -8.13 24.01 15.63
N LEU D 309 -9.33 23.45 15.49
CA LEU D 309 -10.07 23.57 14.25
C LEU D 309 -10.35 25.06 13.95
N ASP D 310 -10.20 25.47 12.70
CA ASP D 310 -10.50 26.85 12.29
C ASP D 310 -12.01 27.15 12.23
N GLU D 311 -12.36 28.44 12.29
CA GLU D 311 -13.79 28.82 12.32
C GLU D 311 -14.60 28.35 11.09
N PRO D 312 -13.99 28.46 9.88
CA PRO D 312 -14.68 28.00 8.69
C PRO D 312 -15.12 26.54 8.87
N ARG D 313 -14.19 25.67 9.20
CA ARG D 313 -14.50 24.26 9.37
C ARG D 313 -15.43 23.97 10.59
N LYS D 314 -15.30 24.76 11.65
CA LYS D 314 -16.20 24.69 12.77
C LYS D 314 -17.60 24.94 12.27
N ALA D 315 -17.73 25.92 11.37
CA ALA D 315 -19.03 26.27 10.83
C ALA D 315 -19.56 25.16 9.89
N GLN D 316 -18.64 24.52 9.16
CA GLN D 316 -18.99 23.43 8.26
C GLN D 316 -19.42 22.21 9.02
N LEU D 317 -18.79 22.00 10.17
CA LEU D 317 -19.21 20.98 11.12
C LEU D 317 -20.63 21.25 11.62
N LYS D 318 -20.92 22.49 11.92
CA LYS D 318 -22.22 22.96 12.38
C LYS D 318 -23.36 22.61 11.38
N THR D 319 -23.19 23.01 10.12
CA THR D 319 -24.23 22.79 9.07
C THR D 319 -24.48 21.32 8.90
N LEU D 320 -23.42 20.53 9.05
CA LEU D 320 -23.51 19.09 8.97
C LEU D 320 -24.34 18.47 10.11
N LEU D 321 -24.03 18.87 11.33
CA LEU D 321 -24.79 18.40 12.48
C LEU D 321 -26.24 18.82 12.35
N GLN D 322 -26.48 20.06 11.90
CA GLN D 322 -27.84 20.58 11.65
C GLN D 322 -28.59 19.80 10.59
N GLN D 323 -27.96 19.63 9.44
CA GLN D 323 -28.49 18.79 8.36
C GLN D 323 -29.06 17.46 8.88
N LEU D 324 -28.33 16.83 9.79
CA LEU D 324 -28.69 15.52 10.33
C LEU D 324 -29.60 15.57 11.58
N LYS D 325 -30.09 16.74 11.95
CA LYS D 325 -31.02 16.89 13.08
C LYS D 325 -30.38 16.53 14.44
N LEU D 326 -29.10 16.84 14.60
CA LEU D 326 -28.38 16.57 15.86
C LEU D 326 -28.00 17.83 16.68
N CYS D 327 -28.44 19.02 16.23
CA CYS D 327 -28.28 20.27 17.02
C CYS D 327 -29.08 21.41 16.44
C1 EDO E . 5.57 -9.03 -20.85
O1 EDO E . 5.03 -10.33 -21.11
C2 EDO E . 6.01 -8.46 -22.17
O2 EDO E . 5.08 -7.50 -22.62
C1 GOL F . 15.51 -23.64 -22.79
O1 GOL F . 15.08 -24.46 -23.92
C2 GOL F . 16.53 -24.42 -21.94
O2 GOL F . 17.62 -23.56 -21.52
C3 GOL F . 15.90 -25.04 -20.71
O3 GOL F . 16.14 -26.46 -20.55
C1 GOL G . 11.81 17.36 -31.12
O1 GOL G . 11.00 16.21 -31.53
C2 GOL G . 13.00 17.15 -30.11
O2 GOL G . 13.46 18.44 -29.67
C3 GOL G . 12.68 16.38 -28.80
O3 GOL G . 13.17 15.03 -28.70
C1 GOL H . -3.99 -17.57 -2.25
O1 GOL H . -4.56 -16.58 -3.14
C2 GOL H . -2.45 -17.57 -2.31
O2 GOL H . -1.98 -16.94 -3.51
C3 GOL H . -1.77 -16.85 -1.13
O3 GOL H . -1.01 -17.78 -0.31
C1 GOL I . 2.15 11.94 -13.27
O1 GOL I . 2.74 11.89 -14.58
C2 GOL I . 2.19 10.59 -12.51
O2 GOL I . 1.02 9.78 -12.76
C3 GOL I . 2.35 10.71 -10.97
O3 GOL I . 1.96 11.97 -10.37
O1B KDG J . 14.10 0.97 -16.91
C1 KDG J . 12.70 0.94 -17.22
C2 KDG J . 12.14 -0.45 -16.90
O2 KDG J . 10.76 -0.60 -17.23
C3 KDG J . 12.97 -1.52 -17.62
O3 KDG J . 12.73 -2.76 -17.00
C4 KDG J . 12.63 -1.68 -19.08
C5 KDG J . 11.98 -3.02 -19.33
C6 KDG J . 10.82 -3.08 -20.24
O6A KDG J . 10.40 -4.17 -20.66
O6B KDG J . 10.25 -2.02 -20.58
C1 EDO K . -15.72 -17.49 -28.91
O1 EDO K . -16.10 -16.35 -29.71
C2 EDO K . -14.75 -17.02 -27.81
O2 EDO K . -14.80 -17.80 -26.60
C1 EDO L . -14.52 -3.76 -18.23
O1 EDO L . -14.86 -4.82 -19.13
C2 EDO L . -14.18 -2.67 -19.20
O2 EDO L . -14.22 -1.42 -18.58
C1 EDO M . -0.39 14.81 -13.69
O1 EDO M . -1.05 15.17 -14.94
C2 EDO M . -1.30 13.85 -12.93
O2 EDO M . -0.66 12.89 -12.09
C1 EDO N . -10.84 -1.20 1.99
O1 EDO N . -11.59 -2.34 2.45
C2 EDO N . -11.69 0.07 2.03
O2 EDO N . -11.52 0.87 3.20
C1 GOL O . -9.99 -13.80 -30.53
O1 GOL O . -9.23 -14.91 -31.00
C2 GOL O . -9.34 -12.44 -30.38
O2 GOL O . -10.39 -11.53 -30.72
C3 GOL O . -8.05 -12.09 -31.17
O3 GOL O . -8.14 -10.69 -31.59
C1 GOL P . -32.83 5.42 -8.48
O1 GOL P . -31.76 6.33 -8.43
C2 GOL P . -32.50 4.24 -7.55
O2 GOL P . -32.64 3.03 -8.28
C3 GOL P . -33.41 4.20 -6.31
O3 GOL P . -33.56 2.83 -5.89
C1 GOL Q . -16.28 -10.05 -35.29
O1 GOL Q . -16.13 -9.09 -36.35
C2 GOL Q . -17.77 -10.42 -35.12
O2 GOL Q . -17.84 -11.62 -34.32
C3 GOL Q . -18.55 -9.25 -34.50
O3 GOL Q . -19.94 -9.14 -34.82
C1 GOL R . -5.80 8.01 -8.56
O1 GOL R . -5.55 8.98 -9.61
C2 GOL R . -4.67 7.56 -7.60
O2 GOL R . -4.61 8.33 -6.38
C3 GOL R . -4.98 6.10 -7.23
O3 GOL R . -4.55 5.53 -5.99
O1B KDG S . -19.74 -8.67 -7.10
C1 KDG S . -18.64 -9.09 -7.90
C2 KDG S . -17.79 -7.88 -8.26
O2 KDG S . -16.43 -8.27 -8.60
C3 KDG S . -18.53 -7.07 -9.37
O3 KDG S . -18.12 -5.71 -9.28
C4 KDG S . -18.37 -7.57 -10.81
C5 KDG S . -18.52 -6.46 -11.85
C6 KDG S . -17.92 -6.75 -13.16
O6A KDG S . -17.73 -5.84 -13.99
O6B KDG S . -17.55 -7.92 -13.41
C1 EDO T . 13.65 10.02 15.98
O1 EDO T . 12.99 10.99 16.79
C2 EDO T . 13.96 8.77 16.75
O2 EDO T . 14.31 9.11 18.10
C1 EDO U . -4.51 21.56 4.93
O1 EDO U . -4.67 22.81 5.64
C2 EDO U . -3.39 20.73 5.57
O2 EDO U . -3.38 19.36 5.16
C1 EDO V . 3.65 20.08 0.11
O1 EDO V . 2.82 20.14 -1.04
C2 EDO V . 5.12 20.25 -0.23
O2 EDO V . 5.67 21.42 0.41
C1 EDO W . 9.92 6.01 -4.03
O1 EDO W . 8.98 7.06 -3.93
C2 EDO W . 9.36 4.75 -3.32
O2 EDO W . 9.04 3.68 -4.22
C1 EDO X . -4.40 15.55 5.47
O1 EDO X . -3.96 16.58 4.53
C2 EDO X . -4.50 14.18 4.81
O2 EDO X . -4.11 13.11 5.72
C1 GOL Y . 14.34 30.69 9.99
O1 GOL Y . 15.20 29.96 10.88
C2 GOL Y . 15.11 31.11 8.73
O2 GOL Y . 15.25 32.52 8.80
C3 GOL Y . 14.48 30.72 7.36
O3 GOL Y . 14.98 29.50 6.76
C1 EDO Z . 27.48 -5.57 32.39
O1 EDO Z . 27.88 -4.26 32.00
C2 EDO Z . 27.88 -5.79 33.85
O2 EDO Z . 27.59 -4.69 34.71
O1B KDG AA . 20.61 1.13 9.12
C1 KDG AA . 19.61 1.06 10.13
C2 KDG AA . 18.48 2.01 9.73
O2 KDG AA . 17.25 1.65 10.37
C3 KDG AA . 18.80 3.49 10.05
O3 KDG AA . 17.54 4.12 10.30
C4 KDG AA . 19.69 3.76 11.24
C5 KDG AA . 19.12 4.93 12.04
C6 KDG AA . 18.36 4.69 13.28
O6A KDG AA . 17.82 5.62 13.89
O6B KDG AA . 18.25 3.53 13.70
C1 EDO BA . 0.79 8.38 40.20
O1 EDO BA . 0.12 9.24 39.25
C2 EDO BA . 1.02 7.05 39.50
O2 EDO BA . 1.26 5.92 40.36
C1 EDO CA . 6.93 -0.51 17.97
O1 EDO CA . 5.72 -0.85 17.29
C2 EDO CA . 6.87 -0.52 19.50
O2 EDO CA . 7.61 -1.58 20.08
C1 EDO DA . -5.26 2.89 23.21
O1 EDO DA . -4.93 3.45 24.49
C2 EDO DA . -4.24 1.82 22.89
O2 EDO DA . -4.74 0.55 23.29
C1 GOL EA . -26.42 17.81 26.82
O1 GOL EA . -25.84 18.06 28.12
C2 GOL EA . -27.25 16.52 26.79
O2 GOL EA . -27.70 16.26 25.46
C3 GOL EA . -26.40 15.33 27.31
O3 GOL EA . -27.02 14.03 27.23
C1 EDO FA . 6.29 -13.04 11.35
O1 EDO FA . 6.59 -12.86 9.99
C2 EDO FA . 6.97 -14.29 11.93
O2 EDO FA . 6.99 -14.34 13.39
C1 GOL GA . -9.10 -21.29 25.14
O1 GOL GA . -8.37 -22.29 24.42
C2 GOL GA . -8.18 -20.32 25.90
O2 GOL GA . -8.59 -18.98 25.56
C3 GOL GA . -8.19 -20.51 27.43
O3 GOL GA . -6.93 -20.84 28.06
C1 GOL HA . -26.67 -7.60 20.30
O1 GOL HA . -27.05 -8.70 19.47
C2 GOL HA . -25.21 -7.75 20.76
O2 GOL HA . -24.95 -6.60 21.58
C3 GOL HA . -24.96 -9.09 21.51
O3 GOL HA . -23.61 -9.33 21.93
C1 GOL IA . -4.14 9.01 41.41
O1 GOL IA . -4.14 9.87 40.26
C2 GOL IA . -4.19 7.51 41.06
O2 GOL IA . -4.21 7.27 39.65
C3 GOL IA . -3.05 6.65 41.58
O3 GOL IA . -3.49 5.29 41.83
O1B KDG JA . -14.87 5.98 14.94
C1 KDG JA . -13.76 6.59 15.60
C2 KDG JA . -12.54 5.67 15.51
O2 KDG JA . -11.36 6.46 15.25
C3 KDG JA . -12.40 4.71 16.72
O3 KDG JA . -11.07 4.16 16.78
C4 KDG JA . -12.68 5.31 18.09
C5 KDG JA . -11.82 4.52 19.07
C6 KDG JA . -10.78 5.29 19.80
O6A KDG JA . -9.99 4.65 20.52
O6B KDG JA . -10.72 6.53 19.68
#